data_8OUZ
#
_entry.id   8OUZ
#
_cell.length_a   1.00
_cell.length_b   1.00
_cell.length_c   1.00
_cell.angle_alpha   90.00
_cell.angle_beta   90.00
_cell.angle_gamma   90.00
#
_symmetry.space_group_name_H-M   'P 1'
#
loop_
_entity.id
_entity.type
_entity.pdbx_description
1 polymer 'DNA repair protein RAD51 homolog 2'
2 polymer 'DNA repair protein RAD51 homolog 3'
3 polymer 'DNA repair protein RAD51 homolog 4'
4 polymer 'DNA repair protein XRCC2'
5 non-polymer "ADENOSINE-5'-DIPHOSPHATE"
6 non-polymer 'MAGNESIUM ION'
7 non-polymer "ADENOSINE-5'-TRIPHOSPHATE"
8 water water
#
loop_
_entity_poly.entity_id
_entity_poly.type
_entity_poly.pdbx_seq_one_letter_code
_entity_poly.pdbx_strand_id
1 'polypeptide(L)'
;MGSKKLKRVGLSQELCDRLSRHQILTCQDFLCLSPLELMKVTGLSYRGVHELLCMVSRACAPKMQTAYGIKAQRSADFSP
AFLSTTLSALDEALHGGVACGSLTEITGPPGCGKTQFCIMMSILATLPTNMGGLEGAVVYIDTESAFSAERLVEIAESRF
PRYFNTEEKLLLTSSKVHLYRELTCDEVLQRIESLEEEIISKGIKLVILDSVASVVRKEFDAQLQGNLKERNKFLAREAS
SLKYLAEEFSIPVILTNQITTHLSGALASQADLVSPADDLSLSEGTSGSSCVIAALGNTWSHSVNTRLILQYLDSERRQI
LIAKSPLAPFTSFVYTIKEEGLVLQAYGNS
;
A
2 'polypeptide(L)'
;MRGKTFRFEMQRDLVSFPLSPAVRVKLVSAGFQTAEELLEVKPSELSKEVGISKAEALETLQIIRRECLTNKPRYAGTSE
SHKKCTALELLEQEHTQGFIITFCSALDDILGGGVPLMKTTEICGAPGVGKTQLCMQLAVDVQIPECFGGVAGEAVFIDT
EGSFMVDRVVDLATACIQHLQLIAEKHKGEEHRKALEDFTLDNILSHIYYFRCRDYTELLAQVYLLPDFLSEHSKVRLVI
VDGIAFPFRHDLDDLSLRTRLLNGLAQQMISLANNHRLAVILTNQMTTKIDRNQALLVPALGESWGHAATIRLIFHWDRK
QRLATLYKSPSQKECTVLFQIKPQGFRDTVVTSACSLQTEGSLSTRKRSRDPEEEL
;
B
3 'polypeptide(L)'
;MGVLRVGLCPGLTEEMIQLLRSHRIKTVVDLVSADLEEVAQKCGLSYKALVALRRVLLAQFSAFPVNGADLYEELKTSTA
ILSTGIGSLDKLLDAGLYTGEVTEIVGGPGSGKTQVCLCMAANVAHGLQQNVLYVDSNGGLTASRLLQLLQAKTQDEEEQ
AEALRRIQVVHAFDIFQMLDVLQELRGTVAQQVTGSSGTVKVVVVDSVTAVVSPLLGGQQREGLALMMQLARELKTLARD
LGMAVVVTNHITRDRDSGRLKPALGRSWSFVPSTRILLDTIEGAGASGGRRMACLAKSSRQPTGFQEMVDIGTWGTSEQS
ATLQGDQT
;
C
4 'polypeptide(L)'
;GCSAFHRAESGTELLARLEGRSSLKEIEPNLFADEDSPVHGDILEFHGPEGTGKTEMLYHLTARCILPKSEGGLEVEVLF
IDTDYHFDMLRLVTILEHRLSQSSEEIIKYCLGRFFLVYCSSSTHLLLTLYSLESMFCSHPSLCLLILDSLSAFYWIDRV
NGGESVNLQESTLRKCSQCLEKLVNDYRLVLFATTQTIMQKASSSSEEPSHASRRLCDVDIDYRPYLCKAWQQLVKHRMF
FSKQDDSQSSNQFSLVSRCLKSNSLKKHFFIIGESGVEFC
;
D
#
loop_
_chem_comp.id
_chem_comp.type
_chem_comp.name
_chem_comp.formula
ADP non-polymer ADENOSINE-5'-DIPHOSPHATE 'C10 H15 N5 O10 P2'
ATP non-polymer ADENOSINE-5'-TRIPHOSPHATE 'C10 H16 N5 O13 P3'
MG non-polymer 'MAGNESIUM ION' 'Mg 2'
#
# COMPACT_ATOMS: atom_id res chain seq x y z
N LYS A 4 8.82 1.66 -35.23
CA LYS A 4 10.28 1.62 -34.96
C LYS A 4 10.67 0.34 -34.24
N LYS A 5 11.54 -0.45 -34.87
CA LYS A 5 11.96 -1.72 -34.30
C LYS A 5 12.97 -1.49 -33.18
N LEU A 6 13.02 -2.43 -32.24
CA LEU A 6 13.86 -2.28 -31.07
C LEU A 6 15.34 -2.51 -31.37
N LYS A 7 15.66 -3.16 -32.48
CA LYS A 7 17.07 -3.32 -32.85
C LYS A 7 17.71 -1.99 -33.20
N ARG A 8 16.97 -1.12 -33.91
CA ARG A 8 17.50 0.17 -34.30
C ARG A 8 17.62 1.13 -33.12
N VAL A 9 16.86 0.91 -32.05
CA VAL A 9 16.94 1.78 -30.89
C VAL A 9 18.34 1.73 -30.28
N GLY A 10 18.92 0.53 -30.20
CA GLY A 10 20.24 0.37 -29.62
C GLY A 10 20.32 -0.78 -28.65
N LEU A 11 19.28 -1.62 -28.60
CA LEU A 11 19.28 -2.79 -27.74
C LEU A 11 20.15 -3.90 -28.33
N SER A 12 20.69 -4.73 -27.46
CA SER A 12 21.54 -5.83 -27.88
C SER A 12 20.71 -6.89 -28.61
N GLN A 13 21.41 -7.67 -29.44
CA GLN A 13 20.73 -8.71 -30.22
C GLN A 13 20.11 -9.77 -29.31
N GLU A 14 20.83 -10.17 -28.26
CA GLU A 14 20.29 -11.19 -27.36
C GLU A 14 19.01 -10.70 -26.71
N LEU A 15 19.02 -9.47 -26.20
CA LEU A 15 17.83 -8.93 -25.56
C LEU A 15 16.71 -8.76 -26.57
N CYS A 16 17.04 -8.33 -27.78
CA CYS A 16 16.01 -8.18 -28.81
C CYS A 16 15.35 -9.51 -29.12
N ASP A 17 16.12 -10.60 -29.20
CA ASP A 17 15.54 -11.92 -29.45
C ASP A 17 14.70 -12.38 -28.25
N ARG A 18 15.21 -12.17 -27.03
CA ARG A 18 14.45 -12.53 -25.86
C ARG A 18 13.10 -11.81 -25.82
N LEU A 19 13.09 -10.56 -26.27
CA LEU A 19 11.83 -9.80 -26.31
C LEU A 19 10.93 -10.31 -27.44
N SER A 20 11.51 -10.54 -28.62
CA SER A 20 10.70 -11.03 -29.74
C SER A 20 10.05 -12.36 -29.42
N ARG A 21 10.67 -13.16 -28.54
CA ARG A 21 10.03 -14.40 -28.11
C ARG A 21 8.70 -14.13 -27.43
N HIS A 22 8.47 -12.91 -26.95
CA HIS A 22 7.21 -12.51 -26.34
C HIS A 22 6.37 -11.62 -27.25
N GLN A 23 6.66 -11.59 -28.55
CA GLN A 23 5.93 -10.80 -29.52
C GLN A 23 6.09 -9.30 -29.27
N ILE A 24 7.19 -8.90 -28.64
CA ILE A 24 7.51 -7.48 -28.44
C ILE A 24 8.58 -7.11 -29.45
N LEU A 25 8.21 -6.27 -30.41
CA LEU A 25 9.07 -5.98 -31.55
C LEU A 25 9.28 -4.50 -31.85
N THR A 26 8.40 -3.62 -31.37
CA THR A 26 8.48 -2.20 -31.69
C THR A 26 8.55 -1.38 -30.41
N CYS A 27 8.84 -0.09 -30.57
CA CYS A 27 8.90 0.81 -29.43
C CYS A 27 7.53 0.96 -28.78
N GLN A 28 6.47 1.01 -29.59
CA GLN A 28 5.13 1.12 -29.04
C GLN A 28 4.79 -0.08 -28.18
N ASP A 29 5.13 -1.29 -28.63
CA ASP A 29 4.90 -2.48 -27.82
C ASP A 29 5.67 -2.41 -26.51
N PHE A 30 6.94 -1.98 -26.58
CA PHE A 30 7.76 -1.92 -25.37
C PHE A 30 7.20 -0.93 -24.37
N LEU A 31 6.79 0.25 -24.85
CA LEU A 31 6.39 1.32 -23.94
C LEU A 31 5.05 1.03 -23.27
N CYS A 32 4.14 0.33 -23.97
CA CYS A 32 2.82 0.06 -23.41
C CYS A 32 2.85 -0.94 -22.27
N LEU A 33 3.98 -1.58 -22.02
CA LEU A 33 4.13 -2.52 -20.91
C LEU A 33 4.59 -1.79 -19.67
N SER A 34 4.20 -2.30 -18.51
CA SER A 34 4.56 -1.68 -17.25
C SER A 34 5.93 -2.17 -16.78
N PRO A 35 6.57 -1.45 -15.85
CA PRO A 35 7.91 -1.86 -15.41
C PRO A 35 7.99 -3.29 -14.90
N LEU A 36 6.99 -3.78 -14.17
CA LEU A 36 7.06 -5.15 -13.67
C LEU A 36 6.98 -6.16 -14.80
N GLU A 37 6.09 -5.93 -15.77
CA GLU A 37 6.00 -6.83 -16.91
C GLU A 37 7.30 -6.84 -17.71
N LEU A 38 7.92 -5.67 -17.89
CA LEU A 38 9.20 -5.60 -18.58
C LEU A 38 10.30 -6.29 -17.78
N MET A 39 10.28 -6.17 -16.46
CA MET A 39 11.24 -6.88 -15.63
C MET A 39 11.11 -8.38 -15.82
N LYS A 40 9.88 -8.89 -15.86
CA LYS A 40 9.68 -10.32 -16.08
C LYS A 40 10.14 -10.74 -17.46
N VAL A 41 9.84 -9.93 -18.49
CA VAL A 41 10.12 -10.32 -19.86
C VAL A 41 11.63 -10.29 -20.13
N THR A 42 12.32 -9.24 -19.69
CA THR A 42 13.70 -9.02 -20.06
C THR A 42 14.70 -9.58 -19.06
N GLY A 43 14.29 -9.81 -17.81
CA GLY A 43 15.19 -10.30 -16.81
C GLY A 43 16.08 -9.26 -16.16
N LEU A 44 15.87 -7.98 -16.48
CA LEU A 44 16.64 -6.91 -15.87
C LEU A 44 15.99 -6.47 -14.56
N SER A 45 16.71 -5.62 -13.83
CA SER A 45 16.19 -5.06 -12.59
C SER A 45 15.34 -3.82 -12.88
N TYR A 46 14.83 -3.20 -11.82
CA TYR A 46 13.97 -2.04 -11.99
C TYR A 46 14.73 -0.87 -12.60
N ARG A 47 15.90 -0.54 -12.03
CA ARG A 47 16.69 0.55 -12.58
C ARG A 47 17.15 0.25 -14.00
N GLY A 48 17.51 -1.01 -14.28
CA GLY A 48 17.88 -1.38 -15.63
C GLY A 48 16.72 -1.23 -16.60
N VAL A 49 15.51 -1.62 -16.18
CA VAL A 49 14.34 -1.45 -17.02
C VAL A 49 14.08 0.03 -17.26
N HIS A 50 14.32 0.88 -16.26
CA HIS A 50 14.11 2.32 -16.46
C HIS A 50 15.15 2.92 -17.39
N GLU A 51 16.40 2.47 -17.29
CA GLU A 51 17.41 2.90 -18.26
C GLU A 51 17.02 2.48 -19.67
N LEU A 52 16.51 1.26 -19.83
CA LEU A 52 16.05 0.82 -21.14
C LEU A 52 14.86 1.64 -21.63
N LEU A 53 13.93 1.99 -20.73
CA LEU A 53 12.80 2.84 -21.11
C LEU A 53 13.27 4.21 -21.56
N CYS A 54 14.24 4.79 -20.85
CA CYS A 54 14.79 6.07 -21.26
C CYS A 54 15.48 5.96 -22.62
N MET A 55 16.22 4.87 -22.84
CA MET A 55 16.87 4.66 -24.13
C MET A 55 15.84 4.59 -25.25
N VAL A 56 14.75 3.84 -25.04
CA VAL A 56 13.73 3.71 -26.07
C VAL A 56 12.99 5.03 -26.29
N SER A 57 12.75 5.78 -25.21
CA SER A 57 11.99 7.02 -25.35
C SER A 57 12.82 8.12 -26.00
N ARG A 58 14.14 8.10 -25.81
CA ARG A 58 14.99 9.05 -26.52
C ARG A 58 14.88 8.88 -28.03
N ALA A 59 14.48 7.69 -28.50
CA ALA A 59 14.23 7.47 -29.91
C ALA A 59 12.80 7.79 -30.31
N CYS A 60 11.93 8.11 -29.36
CA CYS A 60 10.54 8.42 -29.63
C CYS A 60 10.11 9.81 -29.20
N ALA A 61 10.80 10.42 -28.23
CA ALA A 61 10.35 11.70 -27.70
C ALA A 61 10.56 12.82 -28.72
N PRO A 62 9.79 13.89 -28.62
CA PRO A 62 9.93 15.01 -29.56
C PRO A 62 11.08 15.93 -29.19
N LYS A 63 11.34 16.88 -30.07
CA LYS A 63 12.44 17.83 -29.91
C LYS A 63 11.98 19.08 -29.18
N MET A 64 12.79 19.52 -28.21
CA MET A 64 12.49 20.72 -27.45
C MET A 64 12.60 21.96 -28.33
N GLN A 65 11.69 22.90 -28.11
CA GLN A 65 11.71 24.19 -28.78
C GLN A 65 11.49 25.29 -27.74
N THR A 66 11.87 26.51 -28.11
CA THR A 66 11.66 27.68 -27.28
C THR A 66 10.62 28.58 -27.94
N ALA A 67 9.87 29.31 -27.10
CA ALA A 67 8.88 30.23 -27.63
C ALA A 67 9.54 31.33 -28.46
N TYR A 68 10.72 31.79 -28.03
CA TYR A 68 11.46 32.75 -28.83
C TYR A 68 11.81 32.17 -30.19
N GLY A 69 12.24 30.90 -30.23
CA GLY A 69 12.53 30.27 -31.51
C GLY A 69 11.29 30.13 -32.38
N ILE A 70 10.14 29.83 -31.77
CA ILE A 70 8.90 29.73 -32.53
C ILE A 70 8.53 31.08 -33.12
N LYS A 71 8.64 32.15 -32.33
CA LYS A 71 8.38 33.48 -32.84
C LYS A 71 9.41 33.88 -33.90
N ALA A 72 10.67 33.48 -33.69
CA ALA A 72 11.74 33.80 -34.63
C ALA A 72 11.58 33.08 -35.96
N GLN A 73 10.63 32.16 -36.08
CA GLN A 73 10.39 31.44 -37.33
C GLN A 73 11.61 30.60 -37.70
N GLN B 11 15.11 -7.57 9.53
CA GLN B 11 15.10 -8.45 8.32
C GLN B 11 14.27 -7.84 7.21
N ARG B 12 14.82 -7.84 5.99
CA ARG B 12 14.14 -7.30 4.82
C ARG B 12 14.09 -8.39 3.76
N ASP B 13 12.88 -8.84 3.43
CA ASP B 13 12.71 -9.94 2.48
C ASP B 13 13.13 -9.51 1.08
N LEU B 14 13.71 -10.45 0.34
CA LEU B 14 14.25 -10.12 -0.99
C LEU B 14 13.16 -9.66 -1.94
N VAL B 15 11.92 -10.09 -1.74
CA VAL B 15 10.84 -9.67 -2.62
C VAL B 15 10.55 -8.18 -2.47
N SER B 16 10.99 -7.56 -1.37
CA SER B 16 10.76 -6.14 -1.15
C SER B 16 11.73 -5.24 -1.89
N PHE B 17 12.80 -5.81 -2.50
CA PHE B 17 13.78 -5.00 -3.21
C PHE B 17 13.53 -5.05 -4.71
N PRO B 18 13.94 -4.01 -5.46
CA PRO B 18 13.73 -3.98 -6.92
C PRO B 18 14.74 -4.83 -7.71
N LEU B 19 14.94 -6.07 -7.27
CA LEU B 19 15.82 -6.99 -7.98
C LEU B 19 15.14 -7.53 -9.23
N SER B 20 15.94 -8.07 -10.13
CA SER B 20 15.40 -8.77 -11.28
C SER B 20 14.71 -10.06 -10.83
N PRO B 21 13.55 -10.41 -11.39
CA PRO B 21 12.87 -11.63 -10.92
C PRO B 21 13.69 -12.89 -11.04
N ALA B 22 14.45 -13.03 -12.14
CA ALA B 22 15.25 -14.25 -12.33
C ALA B 22 16.34 -14.37 -11.28
N VAL B 23 17.02 -13.26 -10.98
CA VAL B 23 18.07 -13.30 -9.97
C VAL B 23 17.47 -13.61 -8.60
N ARG B 24 16.29 -13.04 -8.30
CA ARG B 24 15.65 -13.33 -7.02
C ARG B 24 15.29 -14.80 -6.91
N VAL B 25 14.76 -15.39 -8.00
CA VAL B 25 14.42 -16.80 -7.97
C VAL B 25 15.67 -17.65 -7.78
N LYS B 26 16.76 -17.31 -8.47
CA LYS B 26 18.01 -18.04 -8.28
C LYS B 26 18.50 -17.95 -6.84
N LEU B 27 18.42 -16.76 -6.25
CA LEU B 27 18.86 -16.59 -4.87
C LEU B 27 18.00 -17.41 -3.92
N VAL B 28 16.69 -17.41 -4.12
CA VAL B 28 15.81 -18.17 -3.23
C VAL B 28 16.07 -19.66 -3.38
N SER B 29 16.30 -20.13 -4.61
CA SER B 29 16.63 -21.54 -4.81
C SER B 29 17.92 -21.92 -4.10
N ALA B 30 18.82 -20.97 -3.91
CA ALA B 30 20.09 -21.22 -3.23
C ALA B 30 19.98 -21.04 -1.72
N GLY B 31 18.80 -20.70 -1.19
CA GLY B 31 18.59 -20.61 0.24
C GLY B 31 18.56 -19.20 0.79
N PHE B 32 18.90 -18.19 0.00
CA PHE B 32 18.89 -16.81 0.47
C PHE B 32 17.46 -16.30 0.56
N GLN B 33 17.10 -15.71 1.69
CA GLN B 33 15.75 -15.22 1.93
C GLN B 33 15.69 -13.72 2.19
N THR B 34 16.62 -13.18 2.98
CA THR B 34 16.63 -11.78 3.37
C THR B 34 17.89 -11.11 2.86
N ALA B 35 17.81 -9.78 2.74
CA ALA B 35 18.94 -9.01 2.25
C ALA B 35 20.13 -9.07 3.20
N GLU B 36 19.87 -9.21 4.50
CA GLU B 36 20.96 -9.21 5.48
C GLU B 36 21.93 -10.35 5.25
N GLU B 37 21.53 -11.40 4.53
CA GLU B 37 22.41 -12.52 4.25
C GLU B 37 23.34 -12.27 3.07
N LEU B 38 23.06 -11.25 2.25
CA LEU B 38 23.88 -10.94 1.09
C LEU B 38 24.86 -9.79 1.33
N LEU B 39 24.95 -9.29 2.56
CA LEU B 39 25.74 -8.09 2.80
C LEU B 39 27.23 -8.36 2.70
N GLU B 40 27.70 -9.47 3.25
CA GLU B 40 29.13 -9.74 3.35
C GLU B 40 29.68 -10.46 2.12
N VAL B 41 28.86 -11.23 1.41
CA VAL B 41 29.36 -12.04 0.31
C VAL B 41 29.97 -11.14 -0.76
N LYS B 42 31.09 -11.59 -1.33
CA LYS B 42 31.73 -10.85 -2.40
C LYS B 42 31.04 -11.13 -3.73
N PRO B 43 31.10 -10.19 -4.69
CA PRO B 43 30.47 -10.46 -5.99
C PRO B 43 31.01 -11.70 -6.68
N SER B 44 32.31 -11.94 -6.59
CA SER B 44 32.89 -13.13 -7.21
C SER B 44 32.39 -14.40 -6.52
N GLU B 45 32.38 -14.41 -5.18
CA GLU B 45 31.86 -15.56 -4.46
C GLU B 45 30.39 -15.79 -4.75
N LEU B 46 29.61 -14.71 -4.81
CA LEU B 46 28.18 -14.84 -5.08
C LEU B 46 27.94 -15.37 -6.48
N SER B 47 28.74 -14.93 -7.46
CA SER B 47 28.56 -15.38 -8.83
C SER B 47 28.72 -16.89 -8.97
N LYS B 48 29.41 -17.54 -8.03
CA LYS B 48 29.58 -18.98 -8.06
C LYS B 48 28.68 -19.72 -7.08
N GLU B 49 28.31 -19.09 -5.96
CA GLU B 49 27.36 -19.71 -5.04
C GLU B 49 26.03 -19.96 -5.74
N VAL B 50 25.57 -18.99 -6.52
CA VAL B 50 24.39 -19.13 -7.36
C VAL B 50 24.81 -18.79 -8.79
N GLY B 51 24.10 -19.36 -9.75
CA GLY B 51 24.51 -19.24 -11.14
C GLY B 51 24.14 -17.93 -11.80
N ILE B 52 24.84 -16.85 -11.44
CA ILE B 52 24.60 -15.54 -12.03
C ILE B 52 25.94 -14.94 -12.44
N SER B 53 25.86 -13.98 -13.36
CA SER B 53 27.05 -13.33 -13.88
C SER B 53 27.62 -12.32 -12.89
N LYS B 54 28.84 -11.86 -13.16
CA LYS B 54 29.48 -10.90 -12.28
C LYS B 54 28.74 -9.58 -12.23
N ALA B 55 28.30 -9.09 -13.40
CA ALA B 55 27.57 -7.82 -13.44
C ALA B 55 26.29 -7.90 -12.63
N GLU B 56 25.56 -9.00 -12.75
CA GLU B 56 24.33 -9.16 -11.98
C GLU B 56 24.63 -9.20 -10.48
N ALA B 57 25.72 -9.86 -10.08
CA ALA B 57 26.08 -9.87 -8.66
C ALA B 57 26.39 -8.46 -8.15
N LEU B 58 27.15 -7.69 -8.94
CA LEU B 58 27.48 -6.33 -8.52
C LEU B 58 26.23 -5.46 -8.43
N GLU B 59 25.34 -5.55 -9.42
CA GLU B 59 24.10 -4.78 -9.37
C GLU B 59 23.25 -5.20 -8.19
N THR B 60 23.18 -6.50 -7.91
CA THR B 60 22.41 -6.99 -6.78
C THR B 60 22.94 -6.43 -5.48
N LEU B 61 24.26 -6.45 -5.29
CA LEU B 61 24.83 -5.92 -4.06
C LEU B 61 24.59 -4.43 -3.94
N GLN B 62 24.72 -3.68 -5.05
CA GLN B 62 24.42 -2.26 -5.00
C GLN B 62 22.97 -2.02 -4.58
N ILE B 63 22.03 -2.74 -5.19
CA ILE B 63 20.61 -2.55 -4.87
C ILE B 63 20.35 -2.88 -3.41
N ILE B 64 20.96 -3.97 -2.91
CA ILE B 64 20.73 -4.36 -1.52
C ILE B 64 21.28 -3.29 -0.58
N ARG B 65 22.47 -2.76 -0.87
CA ARG B 65 23.09 -1.82 0.05
C ARG B 65 22.38 -0.48 0.07
N ARG B 66 21.95 0.02 -1.09
CA ARG B 66 21.26 1.30 -1.15
C ARG B 66 20.01 1.27 -0.27
N LYS B 84 11.22 12.90 7.22
CA LYS B 84 12.18 13.90 6.77
C LYS B 84 11.94 15.23 7.48
N CYS B 85 11.21 16.13 6.80
CA CYS B 85 10.92 17.44 7.37
C CYS B 85 9.62 17.41 8.15
N THR B 86 9.60 18.10 9.28
CA THR B 86 8.39 18.22 10.07
C THR B 86 7.36 19.08 9.32
N ALA B 87 6.20 19.27 9.95
CA ALA B 87 5.16 20.09 9.33
C ALA B 87 5.50 21.57 9.41
N LEU B 88 6.26 21.98 10.43
CA LEU B 88 6.67 23.38 10.53
C LEU B 88 7.62 23.77 9.41
N GLU B 89 8.57 22.90 9.08
CA GLU B 89 9.48 23.17 7.98
C GLU B 89 8.71 23.29 6.67
N LEU B 90 7.74 22.41 6.45
CA LEU B 90 6.91 22.51 5.25
C LEU B 90 6.07 23.77 5.23
N LEU B 91 5.55 24.20 6.38
CA LEU B 91 4.81 25.47 6.43
C LEU B 91 5.71 26.62 6.02
N GLU B 92 6.92 26.68 6.57
CA GLU B 92 7.84 27.74 6.18
C GLU B 92 8.21 27.65 4.71
N GLN B 93 8.43 26.43 4.21
CA GLN B 93 8.80 26.26 2.80
C GLN B 93 7.70 26.74 1.88
N GLU B 94 6.44 26.41 2.19
CA GLU B 94 5.33 26.88 1.39
C GLU B 94 5.03 28.36 1.59
N HIS B 95 5.53 28.96 2.68
CA HIS B 95 5.42 30.40 2.83
C HIS B 95 6.45 31.15 1.99
N THR B 96 7.72 30.81 2.13
CA THR B 96 8.74 31.46 1.28
C THR B 96 8.51 31.14 -0.18
N GLN B 97 8.38 29.86 -0.52
CA GLN B 97 7.98 29.50 -1.87
C GLN B 97 6.58 30.03 -2.13
N GLY B 98 6.43 30.74 -3.24
CA GLY B 98 5.21 31.47 -3.52
C GLY B 98 4.17 30.64 -4.24
N PHE B 99 3.10 31.32 -4.63
CA PHE B 99 2.08 30.79 -5.51
C PHE B 99 2.21 31.46 -6.86
N ILE B 100 1.59 30.86 -7.87
CA ILE B 100 1.53 31.46 -9.20
C ILE B 100 0.18 32.14 -9.34
N ILE B 101 0.19 33.45 -9.55
CA ILE B 101 -1.05 34.20 -9.70
C ILE B 101 -1.56 34.06 -11.13
N THR B 102 -2.86 34.34 -11.30
CA THR B 102 -3.48 34.31 -12.62
C THR B 102 -4.16 35.63 -12.96
N PHE B 103 -3.92 36.68 -12.19
CA PHE B 103 -4.52 38.00 -12.39
C PHE B 103 -6.03 37.99 -12.22
N CYS B 104 -6.60 36.92 -11.69
CA CYS B 104 -8.02 36.85 -11.35
C CYS B 104 -8.10 36.79 -9.83
N SER B 105 -8.57 37.88 -9.23
CA SER B 105 -8.53 37.99 -7.77
C SER B 105 -9.39 36.92 -7.10
N ALA B 106 -10.60 36.70 -7.59
CA ALA B 106 -11.49 35.73 -6.95
C ALA B 106 -10.93 34.32 -7.05
N LEU B 107 -10.40 33.96 -8.22
CA LEU B 107 -9.81 32.63 -8.39
C LEU B 107 -8.60 32.46 -7.47
N ASP B 108 -7.76 33.48 -7.37
CA ASP B 108 -6.63 33.41 -6.47
C ASP B 108 -7.09 33.24 -5.02
N ASP B 109 -8.13 33.97 -4.63
CA ASP B 109 -8.62 33.90 -3.26
C ASP B 109 -9.14 32.50 -2.93
N ILE B 110 -9.94 31.92 -3.83
CA ILE B 110 -10.46 30.58 -3.55
C ILE B 110 -9.35 29.55 -3.58
N LEU B 111 -8.37 29.72 -4.47
CA LEU B 111 -7.23 28.81 -4.52
C LEU B 111 -6.29 28.98 -3.34
N GLY B 112 -6.46 30.03 -2.54
CA GLY B 112 -5.60 30.27 -1.40
C GLY B 112 -4.39 31.13 -1.67
N GLY B 113 -4.38 31.87 -2.78
CA GLY B 113 -3.25 32.72 -3.12
C GLY B 113 -2.84 32.59 -4.56
N GLY B 114 -3.06 31.41 -5.13
CA GLY B 114 -2.66 31.13 -6.50
C GLY B 114 -2.36 29.65 -6.66
N VAL B 115 -1.96 29.29 -7.87
CA VAL B 115 -1.63 27.90 -8.16
C VAL B 115 -0.40 27.53 -7.34
N PRO B 116 -0.47 26.54 -6.46
CA PRO B 116 0.65 26.26 -5.56
C PRO B 116 1.74 25.44 -6.24
N LEU B 117 2.88 25.36 -5.56
CA LEU B 117 4.00 24.54 -5.99
C LEU B 117 3.98 23.21 -5.27
N MET B 118 4.55 22.19 -5.91
CA MET B 118 4.67 20.84 -5.37
C MET B 118 3.32 20.13 -5.31
N LYS B 119 2.40 20.50 -6.19
CA LYS B 119 1.07 19.88 -6.24
C LYS B 119 0.66 19.71 -7.70
N THR B 120 -0.34 18.86 -7.91
CA THR B 120 -0.94 18.65 -9.22
C THR B 120 -2.32 19.28 -9.24
N THR B 121 -2.59 20.08 -10.27
CA THR B 121 -3.86 20.78 -10.44
C THR B 121 -4.43 20.41 -11.79
N GLU B 122 -5.64 19.85 -11.80
CA GLU B 122 -6.35 19.52 -13.01
C GLU B 122 -7.43 20.55 -13.26
N ILE B 123 -7.53 21.00 -14.51
CA ILE B 123 -8.56 21.93 -14.95
C ILE B 123 -9.46 21.19 -15.92
N CYS B 124 -10.65 20.82 -15.46
CA CYS B 124 -11.62 20.08 -16.24
C CYS B 124 -12.68 21.02 -16.77
N GLY B 125 -13.32 20.61 -17.86
CA GLY B 125 -14.38 21.40 -18.45
C GLY B 125 -14.52 21.09 -19.91
N ALA B 126 -15.63 21.55 -20.48
CA ALA B 126 -15.90 21.36 -21.89
C ALA B 126 -15.01 22.27 -22.73
N PRO B 127 -14.80 21.94 -24.00
CA PRO B 127 -13.99 22.81 -24.86
C PRO B 127 -14.56 24.22 -24.93
N GLY B 128 -13.66 25.21 -24.94
CA GLY B 128 -14.03 26.60 -25.07
C GLY B 128 -14.16 27.36 -23.77
N VAL B 129 -14.06 26.69 -22.63
CA VAL B 129 -14.22 27.40 -21.35
C VAL B 129 -13.03 28.32 -21.09
N GLY B 130 -11.83 27.94 -21.54
CA GLY B 130 -10.65 28.75 -21.32
C GLY B 130 -9.53 28.04 -20.59
N LYS B 131 -9.45 26.71 -20.76
CA LYS B 131 -8.38 25.96 -20.11
C LYS B 131 -7.01 26.31 -20.66
N THR B 132 -6.93 26.57 -21.97
CA THR B 132 -5.64 26.88 -22.58
C THR B 132 -5.19 28.30 -22.27
N GLN B 133 -6.14 29.24 -22.22
CA GLN B 133 -5.79 30.62 -21.90
C GLN B 133 -5.19 30.74 -20.51
N LEU B 134 -5.74 30.01 -19.54
CA LEU B 134 -5.17 30.01 -18.20
C LEU B 134 -3.77 29.43 -18.20
N CYS B 135 -3.53 28.38 -18.99
CA CYS B 135 -2.19 27.79 -19.05
C CYS B 135 -1.18 28.79 -19.60
N MET B 136 -1.53 29.48 -20.68
CA MET B 136 -0.62 30.49 -21.23
C MET B 136 -0.44 31.66 -20.27
N GLN B 137 -1.50 32.09 -19.59
CA GLN B 137 -1.36 33.15 -18.60
C GLN B 137 -0.41 32.74 -17.48
N LEU B 138 -0.52 31.51 -17.01
CA LEU B 138 0.39 31.04 -15.96
C LEU B 138 1.82 30.91 -16.48
N ALA B 139 1.98 30.51 -17.74
CA ALA B 139 3.32 30.48 -18.33
C ALA B 139 3.95 31.86 -18.30
N VAL B 140 3.17 32.88 -18.64
CA VAL B 140 3.69 34.25 -18.59
C VAL B 140 3.92 34.69 -17.15
N ASP B 141 3.04 34.28 -16.23
CA ASP B 141 3.05 34.78 -14.85
C ASP B 141 4.06 34.09 -13.95
N VAL B 142 4.60 32.94 -14.36
CA VAL B 142 5.62 32.29 -13.53
C VAL B 142 6.97 32.97 -13.64
N GLN B 143 7.12 33.94 -14.55
CA GLN B 143 8.37 34.65 -14.76
C GLN B 143 8.40 36.02 -14.10
N ILE B 144 7.36 36.41 -13.38
CA ILE B 144 7.34 37.72 -12.73
C ILE B 144 8.41 37.74 -11.63
N PRO B 145 9.21 38.81 -11.52
CA PRO B 145 10.32 38.79 -10.56
C PRO B 145 9.83 38.66 -9.13
N GLU B 146 10.71 38.12 -8.28
CA GLU B 146 10.35 37.88 -6.89
C GLU B 146 10.05 39.18 -6.15
N CYS B 147 10.80 40.24 -6.44
CA CYS B 147 10.59 41.50 -5.74
C CYS B 147 9.19 42.04 -5.92
N PHE B 148 8.50 41.63 -6.98
CA PHE B 148 7.10 41.97 -7.18
C PHE B 148 6.15 40.90 -6.65
N GLY B 149 6.68 39.88 -5.96
CA GLY B 149 5.87 38.82 -5.41
C GLY B 149 5.78 37.57 -6.27
N GLY B 150 6.47 37.53 -7.42
CA GLY B 150 6.46 36.37 -8.27
C GLY B 150 7.46 35.32 -7.83
N VAL B 151 7.62 34.30 -8.67
CA VAL B 151 8.54 33.21 -8.39
C VAL B 151 9.79 33.29 -9.25
N ALA B 152 9.80 34.07 -10.32
CA ALA B 152 10.98 34.25 -11.17
C ALA B 152 11.49 32.91 -11.70
N GLY B 153 10.59 32.17 -12.36
CA GLY B 153 10.91 30.87 -12.91
C GLY B 153 10.61 30.80 -14.40
N GLU B 154 10.88 29.62 -14.96
CA GLU B 154 10.66 29.34 -16.36
C GLU B 154 9.62 28.22 -16.52
N ALA B 155 9.06 28.12 -17.72
CA ALA B 155 7.94 27.24 -17.99
C ALA B 155 8.27 26.18 -19.01
N VAL B 156 7.71 25.00 -18.81
CA VAL B 156 7.73 23.90 -19.77
C VAL B 156 6.30 23.62 -20.19
N PHE B 157 6.04 23.66 -21.49
CA PHE B 157 4.71 23.56 -22.06
C PHE B 157 4.67 22.33 -22.97
N ILE B 158 4.07 21.25 -22.50
CA ILE B 158 3.88 20.04 -23.27
C ILE B 158 2.48 20.10 -23.89
N ASP B 159 2.41 20.42 -25.17
CA ASP B 159 1.14 20.61 -25.87
C ASP B 159 0.74 19.32 -26.56
N THR B 160 -0.42 18.79 -26.21
CA THR B 160 -0.94 17.57 -26.82
C THR B 160 -1.90 17.84 -27.96
N GLU B 161 -2.53 19.01 -28.01
CA GLU B 161 -3.56 19.30 -29.00
C GLU B 161 -3.09 20.22 -30.11
N GLY B 162 -2.04 21.01 -29.90
CA GLY B 162 -1.60 21.97 -30.88
C GLY B 162 -2.26 23.33 -30.77
N SER B 163 -2.92 23.62 -29.65
CA SER B 163 -3.62 24.89 -29.47
C SER B 163 -2.70 26.01 -29.01
N PHE B 164 -1.47 25.69 -28.59
CA PHE B 164 -0.55 26.72 -28.13
C PHE B 164 -0.29 27.75 -29.21
N MET B 165 -0.39 29.02 -28.85
CA MET B 165 -0.15 30.13 -29.76
C MET B 165 0.88 31.06 -29.15
N VAL B 166 1.74 31.62 -30.00
CA VAL B 166 2.83 32.46 -29.51
C VAL B 166 2.44 33.93 -29.49
N ASP B 167 1.68 34.40 -30.48
CA ASP B 167 1.27 35.80 -30.50
C ASP B 167 0.39 36.14 -29.31
N ARG B 168 -0.47 35.20 -28.90
CA ARG B 168 -1.27 35.42 -27.70
C ARG B 168 -0.37 35.55 -26.48
N VAL B 169 0.70 34.76 -26.41
CA VAL B 169 1.66 34.89 -25.32
C VAL B 169 2.36 36.24 -25.37
N VAL B 170 2.65 36.75 -26.57
CA VAL B 170 3.21 38.09 -26.67
C VAL B 170 2.26 39.12 -26.11
N ASP B 171 0.96 39.00 -26.44
CA ASP B 171 -0.03 39.92 -25.90
C ASP B 171 -0.06 39.89 -24.39
N LEU B 172 -0.12 38.68 -23.82
CA LEU B 172 -0.16 38.56 -22.36
C LEU B 172 1.11 39.09 -21.71
N ALA B 173 2.27 38.84 -22.31
CA ALA B 173 3.53 39.34 -21.75
C ALA B 173 3.58 40.85 -21.79
N THR B 174 3.13 41.46 -22.89
CA THR B 174 3.08 42.92 -22.96
C THR B 174 2.15 43.48 -21.89
N ALA B 175 0.99 42.85 -21.70
CA ALA B 175 0.07 43.32 -20.66
C ALA B 175 0.71 43.22 -19.29
N CYS B 176 1.39 42.11 -19.01
CA CYS B 176 2.05 41.95 -17.70
C CYS B 176 3.14 42.98 -17.50
N ILE B 177 3.92 43.28 -18.55
CA ILE B 177 4.98 44.26 -18.42
C ILE B 177 4.39 45.64 -18.16
N GLN B 178 3.30 45.99 -18.85
CA GLN B 178 2.64 47.26 -18.57
C GLN B 178 2.16 47.32 -17.12
N HIS B 179 1.56 46.24 -16.62
CA HIS B 179 1.10 46.22 -15.24
C HIS B 179 2.25 46.41 -14.26
N LEU B 180 3.36 45.71 -14.48
CA LEU B 180 4.49 45.84 -13.57
C LEU B 180 5.09 47.23 -13.63
N GLN B 181 5.15 47.83 -14.83
CA GLN B 181 5.62 49.20 -14.95
C GLN B 181 4.71 50.16 -14.19
N LEU B 182 3.40 49.95 -14.28
CA LEU B 182 2.47 50.81 -13.54
C LEU B 182 2.65 50.71 -12.04
N ILE B 183 2.85 49.50 -11.50
CA ILE B 183 3.12 49.37 -10.08
C ILE B 183 4.48 49.93 -9.69
N ALA B 184 5.50 49.79 -10.54
CA ALA B 184 6.85 50.14 -10.14
C ALA B 184 7.00 51.63 -9.82
N GLU B 185 6.13 52.48 -10.35
CA GLU B 185 6.29 53.92 -10.14
C GLU B 185 6.23 54.30 -8.67
N LYS B 186 5.52 53.51 -7.85
CA LYS B 186 5.32 53.89 -6.46
C LYS B 186 6.61 53.76 -5.65
N HIS B 187 7.48 52.81 -5.99
CA HIS B 187 8.70 52.57 -5.23
C HIS B 187 9.91 53.30 -5.79
N LYS B 188 9.78 53.98 -6.93
CA LYS B 188 10.84 54.84 -7.48
C LYS B 188 12.05 53.96 -7.79
N GLY B 189 13.23 54.27 -7.27
CA GLY B 189 14.48 53.65 -7.68
C GLY B 189 14.91 52.43 -6.88
N GLU B 190 14.00 51.78 -6.17
CA GLU B 190 14.33 50.59 -5.42
C GLU B 190 14.57 49.43 -6.40
N GLU B 191 14.73 48.21 -5.85
CA GLU B 191 15.01 47.05 -6.68
C GLU B 191 14.06 46.92 -7.87
N HIS B 192 12.87 47.50 -7.79
CA HIS B 192 11.92 47.40 -8.89
C HIS B 192 12.53 47.87 -10.20
N ARG B 193 13.31 48.96 -10.16
CA ARG B 193 13.96 49.45 -11.38
C ARG B 193 14.87 48.40 -11.98
N LYS B 194 15.76 47.82 -11.17
CA LYS B 194 16.68 46.81 -11.68
C LYS B 194 15.92 45.56 -12.14
N ALA B 195 14.90 45.16 -11.39
CA ALA B 195 14.15 43.96 -11.74
C ALA B 195 13.46 44.11 -13.09
N LEU B 196 12.85 45.27 -13.32
CA LEU B 196 12.12 45.47 -14.58
C LEU B 196 13.03 45.42 -15.80
N GLU B 197 14.34 45.69 -15.62
CA GLU B 197 15.24 45.69 -16.76
C GLU B 197 15.35 44.30 -17.39
N ASP B 198 15.46 43.26 -16.56
CA ASP B 198 15.57 41.90 -17.08
C ASP B 198 14.23 41.41 -17.63
N PHE B 199 13.12 41.81 -17.00
CA PHE B 199 11.80 41.35 -17.40
C PHE B 199 11.41 41.99 -18.72
N THR B 200 11.69 41.29 -19.83
CA THR B 200 11.50 41.83 -21.17
C THR B 200 10.81 40.78 -22.03
N LEU B 201 10.18 41.26 -23.10
CA LEU B 201 9.42 40.37 -23.98
C LEU B 201 10.31 39.25 -24.53
N ASP B 202 11.48 39.60 -25.06
CA ASP B 202 12.36 38.57 -25.61
C ASP B 202 12.89 37.63 -24.54
N ASN B 203 13.30 38.19 -23.40
CA ASN B 203 13.77 37.34 -22.31
C ASN B 203 12.64 36.48 -21.74
N ILE B 204 11.41 36.99 -21.77
CA ILE B 204 10.26 36.20 -21.35
C ILE B 204 10.04 35.03 -22.30
N LEU B 205 10.04 35.32 -23.62
CA LEU B 205 9.79 34.28 -24.60
C LEU B 205 10.92 33.26 -24.70
N SER B 206 12.13 33.63 -24.26
CA SER B 206 13.24 32.69 -24.29
C SER B 206 13.25 31.74 -23.10
N HIS B 207 12.30 31.87 -22.18
CA HIS B 207 12.22 31.01 -21.01
C HIS B 207 11.05 30.04 -21.06
N ILE B 208 10.42 29.87 -22.22
CA ILE B 208 9.30 28.95 -22.39
C ILE B 208 9.77 27.83 -23.31
N TYR B 209 9.86 26.61 -22.77
CA TYR B 209 10.31 25.46 -23.52
C TYR B 209 9.12 24.61 -23.95
N TYR B 210 8.97 24.43 -25.26
CA TYR B 210 7.78 23.86 -25.86
C TYR B 210 8.06 22.45 -26.38
N PHE B 211 7.18 21.51 -26.03
CA PHE B 211 7.18 20.16 -26.59
C PHE B 211 5.83 19.88 -27.22
N ARG B 212 5.84 19.10 -28.30
CA ARG B 212 4.62 18.77 -29.05
C ARG B 212 4.55 17.25 -29.17
N CYS B 213 3.75 16.61 -28.32
CA CYS B 213 3.58 15.17 -28.34
C CYS B 213 2.38 14.84 -29.24
N ARG B 214 2.66 14.16 -30.36
CA ARG B 214 1.63 13.89 -31.35
C ARG B 214 0.75 12.69 -31.01
N ASP B 215 1.21 11.79 -30.14
CA ASP B 215 0.45 10.59 -29.84
C ASP B 215 0.81 10.10 -28.45
N TYR B 216 0.13 9.04 -28.03
CA TYR B 216 0.32 8.53 -26.68
C TYR B 216 1.73 8.01 -26.45
N THR B 217 2.35 7.43 -27.49
CA THR B 217 3.72 6.94 -27.37
C THR B 217 4.68 8.10 -27.08
N GLU B 218 4.56 9.19 -27.84
CA GLU B 218 5.43 10.34 -27.61
C GLU B 218 5.19 10.95 -26.24
N LEU B 219 3.93 11.00 -25.80
CA LEU B 219 3.63 11.54 -24.48
C LEU B 219 4.28 10.69 -23.40
N LEU B 220 4.19 9.37 -23.50
CA LEU B 220 4.85 8.49 -22.53
C LEU B 220 6.36 8.71 -22.55
N ALA B 221 6.94 8.81 -23.75
CA ALA B 221 8.39 9.01 -23.86
C ALA B 221 8.81 10.32 -23.21
N GLN B 222 8.09 11.40 -23.48
CA GLN B 222 8.48 12.69 -22.94
C GLN B 222 8.29 12.75 -21.43
N VAL B 223 7.23 12.11 -20.92
CA VAL B 223 7.07 12.03 -19.48
C VAL B 223 8.20 11.23 -18.87
N TYR B 224 8.69 10.21 -19.56
CA TYR B 224 9.85 9.47 -19.07
C TYR B 224 11.11 10.31 -19.07
N LEU B 225 11.26 11.21 -20.05
CA LEU B 225 12.48 12.00 -20.19
C LEU B 225 12.46 13.31 -19.42
N LEU B 226 11.32 13.74 -18.89
CA LEU B 226 11.27 15.04 -18.22
C LEU B 226 12.28 15.19 -17.08
N PRO B 227 12.45 14.24 -16.17
CA PRO B 227 13.38 14.46 -15.05
C PRO B 227 14.79 14.78 -15.50
N ASP B 228 15.29 14.13 -16.54
CA ASP B 228 16.62 14.43 -17.04
C ASP B 228 16.70 15.86 -17.57
N PHE B 229 15.67 16.30 -18.28
CA PHE B 229 15.63 17.67 -18.76
C PHE B 229 15.68 18.66 -17.59
N LEU B 230 14.87 18.40 -16.56
CA LEU B 230 14.79 19.35 -15.45
C LEU B 230 16.06 19.37 -14.63
N SER B 231 16.78 18.24 -14.54
CA SER B 231 18.00 18.23 -13.73
C SER B 231 19.02 19.26 -14.21
N GLU B 232 18.97 19.65 -15.48
CA GLU B 232 19.87 20.65 -16.04
C GLU B 232 19.17 21.96 -16.35
N HIS B 233 17.92 22.13 -15.92
CA HIS B 233 17.15 23.36 -16.09
C HIS B 233 16.52 23.77 -14.77
N SER B 234 17.33 23.84 -13.72
CA SER B 234 16.85 24.00 -12.35
C SER B 234 16.04 25.27 -12.12
N LYS B 235 15.92 26.13 -13.13
CA LYS B 235 15.14 27.35 -13.00
C LYS B 235 13.69 27.20 -13.48
N VAL B 236 13.30 26.00 -13.91
CA VAL B 236 11.92 25.76 -14.33
C VAL B 236 11.07 25.52 -13.09
N ARG B 237 9.93 26.20 -13.02
CA ARG B 237 9.03 26.10 -11.87
C ARG B 237 7.61 25.67 -12.25
N LEU B 238 7.31 25.52 -13.54
CA LEU B 238 5.96 25.19 -13.98
C LEU B 238 6.02 24.24 -15.16
N VAL B 239 5.30 23.12 -15.05
CA VAL B 239 5.15 22.15 -16.13
C VAL B 239 3.67 22.03 -16.46
N ILE B 240 3.34 22.15 -17.74
CA ILE B 240 1.96 22.16 -18.20
C ILE B 240 1.77 21.02 -19.19
N VAL B 241 0.81 20.14 -18.92
CA VAL B 241 0.35 19.16 -19.88
C VAL B 241 -1.04 19.55 -20.34
N ASP B 242 -1.11 20.28 -21.46
CA ASP B 242 -2.38 20.71 -22.03
C ASP B 242 -2.94 19.55 -22.85
N GLY B 243 -3.74 18.73 -22.20
CA GLY B 243 -4.31 17.55 -22.82
C GLY B 243 -3.89 16.28 -22.13
N ILE B 244 -4.81 15.69 -21.37
CA ILE B 244 -4.55 14.42 -20.70
C ILE B 244 -4.96 13.23 -21.57
N ALA B 245 -6.00 13.40 -22.38
CA ALA B 245 -6.42 12.42 -23.37
C ALA B 245 -6.50 13.12 -24.72
N PHE B 246 -6.03 12.44 -25.77
CA PHE B 246 -5.92 13.09 -27.06
C PHE B 246 -7.29 13.40 -27.62
N PRO B 247 -7.38 14.41 -28.51
CA PRO B 247 -8.69 14.93 -28.91
C PRO B 247 -9.39 14.09 -29.96
N PHE B 248 -8.63 13.41 -30.82
CA PHE B 248 -9.26 12.63 -31.88
C PHE B 248 -10.19 11.57 -31.31
N ARG B 249 -9.95 11.14 -30.08
CA ARG B 249 -10.78 10.13 -29.42
C ARG B 249 -10.96 8.94 -30.37
N HIS B 250 -12.03 8.16 -30.20
CA HIS B 250 -12.19 6.92 -30.96
C HIS B 250 -10.91 6.09 -30.87
N ASP B 251 -10.41 5.95 -29.65
CA ASP B 251 -9.05 5.45 -29.42
C ASP B 251 -9.00 3.96 -29.72
N LEU B 252 -8.49 3.61 -30.90
CA LEU B 252 -8.04 2.24 -31.15
C LEU B 252 -6.78 1.92 -30.36
N ASP B 253 -6.12 2.93 -29.77
CA ASP B 253 -4.96 2.77 -28.90
C ASP B 253 -5.33 2.85 -27.42
N ASP B 254 -6.50 2.30 -27.06
CA ASP B 254 -6.94 2.37 -25.67
C ASP B 254 -5.92 1.79 -24.70
N LEU B 255 -5.12 0.82 -25.16
CA LEU B 255 -4.10 0.24 -24.29
C LEU B 255 -3.06 1.27 -23.87
N SER B 256 -2.66 2.17 -24.78
CA SER B 256 -1.69 3.21 -24.42
C SER B 256 -2.28 4.17 -23.40
N LEU B 257 -3.54 4.57 -23.59
CA LEU B 257 -4.18 5.43 -22.60
C LEU B 257 -4.25 4.74 -21.25
N ARG B 258 -4.59 3.45 -21.25
CA ARG B 258 -4.69 2.72 -19.99
C ARG B 258 -3.34 2.66 -19.29
N THR B 259 -2.27 2.36 -20.03
CA THR B 259 -0.96 2.29 -19.39
C THR B 259 -0.52 3.67 -18.89
N ARG B 260 -0.81 4.73 -19.65
CA ARG B 260 -0.40 6.06 -19.23
C ARG B 260 -1.13 6.47 -17.95
N LEU B 261 -2.46 6.55 -17.99
CA LEU B 261 -3.17 7.00 -16.80
C LEU B 261 -2.90 6.09 -15.62
N LEU B 262 -2.47 4.86 -15.88
CA LEU B 262 -2.00 3.95 -14.85
C LEU B 262 -0.61 4.37 -14.36
N ASN B 263 -0.56 5.29 -13.41
CA ASN B 263 0.68 5.76 -12.79
C ASN B 263 1.50 6.64 -13.73
N GLY B 264 1.13 6.70 -15.00
CA GLY B 264 1.92 7.48 -15.93
C GLY B 264 1.81 8.96 -15.72
N LEU B 265 0.72 9.42 -15.08
CA LEU B 265 0.56 10.84 -14.81
C LEU B 265 -0.07 11.08 -13.44
N ALA B 266 -0.04 10.10 -12.55
CA ALA B 266 -0.43 10.30 -11.16
C ALA B 266 0.78 10.30 -10.24
N GLN B 267 1.58 9.24 -10.27
CA GLN B 267 2.79 9.18 -9.47
C GLN B 267 3.96 9.90 -10.12
N GLN B 268 4.08 9.80 -11.44
CA GLN B 268 5.21 10.43 -12.12
C GLN B 268 5.18 11.94 -11.96
N MET B 269 4.02 12.57 -12.15
CA MET B 269 3.94 14.02 -12.03
C MET B 269 3.98 14.51 -10.59
N ILE B 270 3.42 13.78 -9.64
CA ILE B 270 3.55 14.20 -8.25
C ILE B 270 5.01 14.13 -7.81
N SER B 271 5.72 13.07 -8.22
CA SER B 271 7.14 12.98 -7.90
C SER B 271 7.93 14.09 -8.61
N LEU B 272 7.59 14.38 -9.86
CA LEU B 272 8.26 15.47 -10.57
C LEU B 272 8.04 16.80 -9.87
N ALA B 273 6.80 17.06 -9.43
CA ALA B 273 6.49 18.32 -8.77
C ALA B 273 7.18 18.44 -7.42
N ASN B 274 7.33 17.34 -6.70
CA ASN B 274 7.94 17.43 -5.38
C ASN B 274 9.46 17.45 -5.42
N ASN B 275 10.09 16.61 -6.24
CA ASN B 275 11.55 16.55 -6.26
C ASN B 275 12.16 17.83 -6.79
N HIS B 276 11.56 18.42 -7.84
CA HIS B 276 12.08 19.62 -8.45
C HIS B 276 11.38 20.89 -7.99
N ARG B 277 10.44 20.78 -7.04
CA ARG B 277 9.79 21.94 -6.43
C ARG B 277 9.17 22.86 -7.49
N LEU B 278 8.19 22.31 -8.19
CA LEU B 278 7.49 23.03 -9.25
C LEU B 278 6.01 22.72 -9.17
N ALA B 279 5.24 23.29 -10.11
CA ALA B 279 3.80 23.08 -10.18
C ALA B 279 3.45 22.40 -11.50
N VAL B 280 2.68 21.33 -11.42
CA VAL B 280 2.23 20.57 -12.59
C VAL B 280 0.75 20.87 -12.82
N ILE B 281 0.42 21.29 -14.03
CA ILE B 281 -0.96 21.63 -14.39
C ILE B 281 -1.38 20.72 -15.53
N LEU B 282 -2.45 19.95 -15.31
CA LEU B 282 -2.98 19.02 -16.29
C LEU B 282 -4.33 19.50 -16.79
N THR B 283 -4.55 19.43 -18.09
CA THR B 283 -5.83 19.78 -18.69
C THR B 283 -6.60 18.52 -19.07
N ASN B 284 -7.91 18.53 -18.84
CA ASN B 284 -8.76 17.36 -19.05
C ASN B 284 -10.06 17.80 -19.71
N GLN B 285 -10.33 17.24 -20.89
CA GLN B 285 -11.58 17.54 -21.59
C GLN B 285 -12.68 16.54 -21.27
N MET B 286 -12.35 15.38 -20.71
CA MET B 286 -13.35 14.34 -20.53
C MET B 286 -14.40 14.73 -19.51
N THR B 287 -13.97 15.26 -18.36
CA THR B 287 -14.87 15.64 -17.29
C THR B 287 -15.34 17.08 -17.55
N THR B 288 -16.63 17.24 -17.87
CA THR B 288 -17.18 18.54 -18.21
C THR B 288 -18.34 18.96 -17.32
N LYS B 289 -18.75 18.14 -16.36
CA LYS B 289 -19.90 18.43 -15.53
C LYS B 289 -19.58 18.14 -14.07
N ILE B 290 -20.34 18.78 -13.19
CA ILE B 290 -20.13 18.65 -11.75
C ILE B 290 -20.43 17.22 -11.31
N LEU B 301 -13.16 8.46 -17.83
CA LEU B 301 -11.73 8.29 -18.04
C LEU B 301 -11.13 7.37 -16.97
N GLY B 302 -12.00 6.61 -16.31
CA GLY B 302 -11.56 5.67 -15.30
C GLY B 302 -12.03 6.03 -13.91
N GLU B 303 -12.26 5.01 -13.07
CA GLU B 303 -12.69 5.26 -11.70
C GLU B 303 -11.53 5.71 -10.82
N SER B 304 -10.30 5.31 -11.15
CA SER B 304 -9.13 5.70 -10.37
C SER B 304 -8.56 7.05 -10.79
N TRP B 305 -8.92 7.56 -11.97
CA TRP B 305 -8.39 8.84 -12.40
C TRP B 305 -8.99 10.01 -11.63
N GLY B 306 -10.12 9.81 -10.96
CA GLY B 306 -10.68 10.86 -10.13
C GLY B 306 -9.85 11.16 -8.91
N HIS B 307 -9.02 10.22 -8.47
CA HIS B 307 -8.15 10.40 -7.32
C HIS B 307 -6.77 10.93 -7.68
N ALA B 308 -6.51 11.22 -8.96
CA ALA B 308 -5.15 11.52 -9.40
C ALA B 308 -4.69 12.92 -8.98
N ALA B 309 -5.37 13.95 -9.47
CA ALA B 309 -4.93 15.32 -9.26
C ALA B 309 -5.21 15.77 -7.84
N THR B 310 -4.26 16.51 -7.26
CA THR B 310 -4.43 17.03 -5.91
C THR B 310 -5.57 18.03 -5.84
N ILE B 311 -5.71 18.88 -6.85
CA ILE B 311 -6.75 19.90 -6.91
C ILE B 311 -7.50 19.74 -8.23
N ARG B 312 -8.82 19.93 -8.19
CA ARG B 312 -9.65 19.86 -9.38
C ARG B 312 -10.50 21.12 -9.49
N LEU B 313 -10.34 21.85 -10.58
CA LEU B 313 -11.15 23.02 -10.89
C LEU B 313 -11.96 22.75 -12.14
N ILE B 314 -13.28 22.89 -12.05
CA ILE B 314 -14.18 22.72 -13.18
C ILE B 314 -14.57 24.09 -13.69
N PHE B 315 -14.35 24.34 -14.97
CA PHE B 315 -14.78 25.56 -15.63
C PHE B 315 -16.05 25.27 -16.41
N HIS B 316 -17.13 26.01 -16.11
CA HIS B 316 -18.40 25.73 -16.74
C HIS B 316 -19.19 27.01 -16.98
N TRP B 317 -20.08 26.95 -17.97
CA TRP B 317 -20.96 28.07 -18.30
C TRP B 317 -22.23 27.99 -17.48
N ASP B 318 -22.65 29.14 -16.96
CA ASP B 318 -23.96 29.29 -16.33
C ASP B 318 -24.49 30.66 -16.68
N ARG B 319 -25.73 30.70 -17.18
CA ARG B 319 -26.38 31.96 -17.57
C ARG B 319 -25.51 32.72 -18.57
N LYS B 320 -24.87 31.98 -19.48
CA LYS B 320 -23.99 32.56 -20.48
C LYS B 320 -22.90 33.41 -19.81
N GLN B 321 -22.31 32.86 -18.75
CA GLN B 321 -21.16 33.48 -18.11
C GLN B 321 -20.28 32.38 -17.52
N ARG B 322 -18.97 32.61 -17.53
CA ARG B 322 -18.01 31.61 -17.11
C ARG B 322 -17.91 31.57 -15.59
N LEU B 323 -17.90 30.37 -15.03
CA LEU B 323 -17.75 30.16 -13.61
C LEU B 323 -16.70 29.09 -13.36
N ALA B 324 -15.95 29.26 -12.27
CA ALA B 324 -14.94 28.32 -11.85
C ALA B 324 -15.37 27.72 -10.50
N THR B 325 -15.41 26.40 -10.42
CA THR B 325 -15.80 25.68 -9.22
C THR B 325 -14.62 24.85 -8.73
N LEU B 326 -14.31 24.98 -7.45
CA LEU B 326 -13.23 24.21 -6.83
C LEU B 326 -13.82 22.89 -6.35
N TYR B 327 -13.90 21.92 -7.28
CA TYR B 327 -14.63 20.70 -6.99
C TYR B 327 -13.95 19.90 -5.89
N LYS B 328 -12.62 19.77 -5.95
CA LYS B 328 -11.87 19.01 -4.97
C LYS B 328 -10.65 19.80 -4.55
N SER B 329 -10.32 19.72 -3.26
CA SER B 329 -9.14 20.40 -2.73
C SER B 329 -8.89 19.91 -1.32
N PRO B 330 -7.64 19.66 -0.93
CA PRO B 330 -7.36 19.25 0.44
C PRO B 330 -7.26 20.39 1.44
N SER B 331 -7.38 21.65 1.00
CA SER B 331 -7.17 22.78 1.89
C SER B 331 -8.21 23.89 1.78
N GLN B 332 -9.03 23.91 0.73
CA GLN B 332 -10.04 24.95 0.56
C GLN B 332 -11.40 24.29 0.36
N LYS B 333 -12.42 24.85 1.01
CA LYS B 333 -13.77 24.36 0.85
C LYS B 333 -14.27 24.64 -0.57
N GLU B 334 -15.23 23.83 -1.01
CA GLU B 334 -15.79 24.00 -2.34
C GLU B 334 -16.46 25.37 -2.46
N CYS B 335 -16.22 26.03 -3.59
CA CYS B 335 -16.77 27.36 -3.83
C CYS B 335 -16.83 27.60 -5.33
N THR B 336 -17.68 28.54 -5.73
CA THR B 336 -17.83 28.92 -7.12
C THR B 336 -17.61 30.42 -7.25
N VAL B 337 -16.86 30.83 -8.27
CA VAL B 337 -16.54 32.24 -8.49
C VAL B 337 -16.65 32.54 -9.98
N LEU B 338 -16.62 33.84 -10.29
CA LEU B 338 -16.71 34.34 -11.65
C LEU B 338 -15.33 34.62 -12.22
N PHE B 339 -15.25 34.61 -13.55
CA PHE B 339 -14.06 35.02 -14.26
C PHE B 339 -14.44 35.32 -15.70
N GLN B 340 -13.53 35.95 -16.42
CA GLN B 340 -13.76 36.23 -17.84
C GLN B 340 -12.43 36.43 -18.54
N ILE B 341 -12.48 36.43 -19.87
CA ILE B 341 -11.30 36.55 -20.72
C ILE B 341 -11.37 37.87 -21.47
N LYS B 342 -10.31 38.66 -21.35
CA LYS B 342 -10.18 39.96 -21.98
C LYS B 342 -8.98 39.92 -22.92
N PRO B 343 -8.79 40.96 -23.74
CA PRO B 343 -7.59 40.99 -24.57
C PRO B 343 -6.30 40.94 -23.77
N GLN B 344 -6.34 41.33 -22.49
CA GLN B 344 -5.16 41.27 -21.64
C GLN B 344 -5.02 39.94 -20.91
N GLY B 345 -5.96 39.02 -21.07
CA GLY B 345 -5.86 37.69 -20.51
C GLY B 345 -6.99 37.38 -19.55
N PHE B 346 -6.72 36.48 -18.62
CA PHE B 346 -7.71 36.13 -17.61
C PHE B 346 -7.89 37.28 -16.64
N ARG B 347 -9.14 37.69 -16.43
CA ARG B 347 -9.43 38.82 -15.56
C ARG B 347 -10.77 38.59 -14.86
N ASP B 348 -10.97 39.32 -13.78
CA ASP B 348 -12.22 39.23 -13.04
C ASP B 348 -13.36 39.84 -13.85
N THR B 349 -14.58 39.58 -13.40
CA THR B 349 -15.77 40.13 -14.05
C THR B 349 -15.95 41.60 -13.68
N GLY C 2 18.14 -19.00 7.12
CA GLY C 2 18.34 -19.28 5.67
C GLY C 2 19.60 -20.08 5.38
N VAL C 3 20.47 -19.53 4.55
CA VAL C 3 21.72 -20.21 4.21
C VAL C 3 22.57 -20.34 5.47
N LEU C 4 23.19 -21.51 5.62
CA LEU C 4 24.10 -21.71 6.75
C LEU C 4 25.36 -20.87 6.55
N ARG C 5 25.75 -20.14 7.59
CA ARG C 5 26.87 -19.23 7.51
C ARG C 5 27.63 -19.26 8.84
N VAL C 6 28.90 -18.86 8.79
CA VAL C 6 29.68 -18.71 10.00
C VAL C 6 29.14 -17.54 10.81
N GLY C 7 28.91 -17.77 12.10
CA GLY C 7 28.35 -16.76 12.96
C GLY C 7 26.83 -16.73 12.99
N LEU C 8 26.16 -17.52 12.14
CA LEU C 8 24.72 -17.60 12.21
C LEU C 8 24.26 -18.12 13.57
N CYS C 9 24.92 -19.16 14.07
CA CYS C 9 24.68 -19.68 15.39
C CYS C 9 25.99 -20.20 15.94
N PRO C 10 26.15 -20.26 17.27
CA PRO C 10 27.38 -20.82 17.83
C PRO C 10 27.57 -22.28 17.43
N GLY C 11 28.83 -22.68 17.31
CA GLY C 11 29.17 -24.04 16.96
C GLY C 11 29.29 -24.33 15.49
N LEU C 12 29.06 -23.34 14.62
CA LEU C 12 29.20 -23.52 13.18
C LEU C 12 30.63 -23.20 12.77
N THR C 13 31.26 -24.14 12.06
CA THR C 13 32.62 -23.98 11.56
C THR C 13 32.62 -24.11 10.05
N GLU C 14 33.67 -23.56 9.42
CA GLU C 14 33.75 -23.60 7.96
C GLU C 14 33.82 -25.03 7.46
N GLU C 15 34.58 -25.90 8.13
CA GLU C 15 34.69 -27.28 7.69
C GLU C 15 33.34 -28.00 7.81
N MET C 16 32.63 -27.80 8.92
CA MET C 16 31.33 -28.42 9.08
C MET C 16 30.34 -27.94 8.02
N ILE C 17 30.34 -26.63 7.76
CA ILE C 17 29.45 -26.09 6.74
C ILE C 17 29.78 -26.68 5.37
N GLN C 18 31.09 -26.77 5.07
CA GLN C 18 31.49 -27.31 3.76
C GLN C 18 31.10 -28.76 3.62
N LEU C 19 31.28 -29.57 4.68
CA LEU C 19 30.85 -30.96 4.62
C LEU C 19 29.35 -31.06 4.40
N LEU C 20 28.56 -30.27 5.15
CA LEU C 20 27.12 -30.33 4.99
C LEU C 20 26.71 -29.93 3.58
N ARG C 21 27.32 -28.87 3.03
CA ARG C 21 27.00 -28.46 1.67
C ARG C 21 27.38 -29.54 0.66
N SER C 22 28.53 -30.20 0.87
CA SER C 22 28.90 -31.31 0.00
C SER C 22 27.86 -32.43 0.08
N HIS C 23 27.20 -32.57 1.23
CA HIS C 23 26.14 -33.57 1.41
C HIS C 23 24.75 -32.97 1.23
N ARG C 24 24.64 -31.92 0.41
CA ARG C 24 23.36 -31.38 -0.03
C ARG C 24 22.53 -30.83 1.14
N ILE C 25 23.19 -30.31 2.16
CA ILE C 25 22.52 -29.65 3.28
C ILE C 25 23.06 -28.23 3.34
N LYS C 26 22.25 -27.26 2.92
CA LYS C 26 22.69 -25.89 2.76
C LYS C 26 21.96 -24.89 3.65
N THR C 27 20.71 -25.15 4.02
CA THR C 27 19.89 -24.19 4.75
C THR C 27 19.48 -24.80 6.09
N VAL C 28 18.93 -23.94 6.95
CA VAL C 28 18.43 -24.40 8.24
C VAL C 28 17.25 -25.35 8.05
N VAL C 29 16.42 -25.10 7.03
CA VAL C 29 15.28 -25.97 6.76
C VAL C 29 15.76 -27.37 6.43
N ASP C 30 16.78 -27.49 5.59
CA ASP C 30 17.31 -28.80 5.24
C ASP C 30 17.88 -29.49 6.47
N LEU C 31 18.60 -28.74 7.32
CA LEU C 31 19.21 -29.35 8.50
C LEU C 31 18.16 -29.86 9.47
N VAL C 32 17.18 -29.02 9.82
CA VAL C 32 16.19 -29.42 10.82
C VAL C 32 15.31 -30.54 10.30
N SER C 33 15.01 -30.56 9.01
CA SER C 33 14.10 -31.55 8.43
C SER C 33 14.83 -32.78 7.89
N ALA C 34 16.12 -32.91 8.13
CA ALA C 34 16.89 -34.03 7.61
C ALA C 34 17.00 -35.15 8.66
N ASP C 35 17.32 -36.34 8.17
CA ASP C 35 17.57 -37.50 9.03
C ASP C 35 19.00 -37.39 9.54
N LEU C 36 19.14 -36.87 10.76
CA LEU C 36 20.46 -36.54 11.26
C LEU C 36 21.34 -37.76 11.51
N GLU C 37 20.76 -38.96 11.56
CA GLU C 37 21.58 -40.16 11.71
C GLU C 37 22.39 -40.42 10.45
N GLU C 38 21.72 -40.37 9.30
CA GLU C 38 22.40 -40.58 8.03
C GLU C 38 23.49 -39.53 7.80
N VAL C 39 23.18 -38.28 8.13
CA VAL C 39 24.18 -37.21 8.00
C VAL C 39 25.33 -37.46 8.96
N ALA C 40 25.02 -37.84 10.21
CA ALA C 40 26.06 -38.01 11.22
C ALA C 40 27.03 -39.12 10.85
N GLN C 41 26.52 -40.27 10.38
CA GLN C 41 27.43 -41.34 10.02
C GLN C 41 28.31 -40.96 8.84
N LYS C 42 27.81 -40.10 7.96
CA LYS C 42 28.66 -39.48 6.95
C LYS C 42 29.34 -38.25 7.54
N CYS C 43 30.34 -37.75 6.81
CA CYS C 43 31.08 -36.53 7.13
C CYS C 43 31.93 -36.65 8.39
N GLY C 44 31.88 -37.78 9.09
CA GLY C 44 32.63 -37.90 10.34
C GLY C 44 32.26 -36.85 11.36
N LEU C 45 30.96 -36.57 11.49
CA LEU C 45 30.48 -35.53 12.40
C LEU C 45 29.71 -36.17 13.56
N SER C 46 29.97 -35.67 14.77
CA SER C 46 29.33 -36.21 15.95
C SER C 46 27.81 -36.06 15.84
N TYR C 47 27.10 -37.14 16.14
CA TYR C 47 25.64 -37.10 16.14
C TYR C 47 25.12 -36.11 17.18
N LYS C 48 25.74 -36.11 18.37
CA LYS C 48 25.32 -35.20 19.42
C LYS C 48 25.55 -33.75 19.01
N ALA C 49 26.65 -33.48 18.29
CA ALA C 49 26.88 -32.13 17.80
C ALA C 49 25.77 -31.69 16.86
N LEU C 50 25.35 -32.58 15.96
CA LEU C 50 24.25 -32.24 15.07
C LEU C 50 22.95 -32.02 15.84
N VAL C 51 22.72 -32.82 16.88
CA VAL C 51 21.51 -32.64 17.69
C VAL C 51 21.54 -31.28 18.36
N ALA C 52 22.67 -30.90 18.94
CA ALA C 52 22.78 -29.59 19.59
C ALA C 52 22.59 -28.46 18.58
N LEU C 53 23.18 -28.61 17.39
CA LEU C 53 23.02 -27.59 16.36
C LEU C 53 21.56 -27.45 15.95
N ARG C 54 20.86 -28.58 15.78
CA ARG C 54 19.45 -28.52 15.44
C ARG C 54 18.65 -27.83 16.53
N ARG C 55 18.91 -28.18 17.79
CA ARG C 55 18.19 -27.55 18.88
C ARG C 55 18.42 -26.05 18.92
N VAL C 56 19.68 -25.62 18.75
CA VAL C 56 19.99 -24.19 18.81
C VAL C 56 19.33 -23.45 17.65
N LEU C 57 19.43 -23.98 16.44
CA LEU C 57 18.82 -23.32 15.30
C LEU C 57 17.30 -23.24 15.46
N LEU C 58 16.69 -24.32 15.94
CA LEU C 58 15.24 -24.33 16.14
C LEU C 58 14.82 -23.30 17.18
N ALA C 59 15.50 -23.27 18.32
CA ALA C 59 15.19 -22.29 19.36
C ALA C 59 15.49 -20.86 18.93
N GLN C 60 16.35 -20.68 17.92
CA GLN C 60 16.69 -19.34 17.47
C GLN C 60 15.70 -18.80 16.43
N PHE C 61 15.30 -19.62 15.46
CA PHE C 61 14.52 -19.15 14.32
C PHE C 61 13.04 -19.49 14.41
N SER C 62 12.55 -19.98 15.55
CA SER C 62 11.20 -20.47 15.68
C SER C 62 10.37 -19.59 16.61
N ALA C 63 9.11 -19.36 16.22
CA ALA C 63 8.17 -18.68 17.09
C ALA C 63 7.70 -19.61 18.20
N PHE C 64 7.31 -19.02 19.33
CA PHE C 64 6.91 -19.78 20.50
C PHE C 64 5.54 -19.31 20.97
N PRO C 65 4.78 -20.20 21.63
CA PRO C 65 3.42 -19.83 22.05
C PRO C 65 3.40 -19.00 23.32
N VAL C 66 2.39 -18.13 23.41
CA VAL C 66 2.16 -17.28 24.57
C VAL C 66 0.77 -17.59 25.12
N ASN C 67 0.69 -17.80 26.43
CA ASN C 67 -0.58 -18.15 27.06
C ASN C 67 -1.57 -17.00 26.94
N GLY C 68 -2.86 -17.36 26.82
CA GLY C 68 -3.88 -16.35 26.59
C GLY C 68 -4.03 -15.37 27.74
N ALA C 69 -3.88 -15.85 28.98
CA ALA C 69 -4.00 -14.97 30.13
C ALA C 69 -2.91 -13.91 30.12
N ASP C 70 -1.66 -14.30 29.80
CA ASP C 70 -0.59 -13.32 29.72
C ASP C 70 -0.86 -12.28 28.65
N LEU C 71 -1.32 -12.72 27.48
CA LEU C 71 -1.62 -11.78 26.40
C LEU C 71 -2.74 -10.83 26.81
N TYR C 72 -3.76 -11.34 27.49
CA TYR C 72 -4.82 -10.48 28.00
C TYR C 72 -4.25 -9.44 28.94
N GLU C 73 -3.37 -9.85 29.86
CA GLU C 73 -2.76 -8.91 30.80
C GLU C 73 -2.01 -7.81 30.06
N GLU C 74 -1.13 -8.19 29.14
CA GLU C 74 -0.32 -7.17 28.46
C GLU C 74 -1.19 -6.24 27.62
N LEU C 75 -2.15 -6.80 26.89
CA LEU C 75 -2.99 -5.95 26.03
C LEU C 75 -3.90 -5.05 26.85
N LYS C 76 -4.23 -5.46 28.07
CA LYS C 76 -5.07 -4.61 28.92
C LYS C 76 -4.41 -3.28 29.24
N THR C 77 -3.08 -3.21 29.15
CA THR C 77 -2.34 -1.99 29.45
C THR C 77 -1.66 -1.37 28.24
N SER C 78 -1.32 -2.16 27.22
CA SER C 78 -0.58 -1.66 26.06
C SER C 78 -1.48 -1.24 24.91
N THR C 79 -2.80 -1.40 25.03
CA THR C 79 -3.72 -1.00 23.98
C THR C 79 -4.39 0.32 24.34
N ALA C 80 -4.55 1.19 23.34
CA ALA C 80 -5.12 2.50 23.55
C ALA C 80 -6.10 2.81 22.42
N ILE C 81 -7.07 3.67 22.73
CA ILE C 81 -8.05 4.14 21.75
C ILE C 81 -7.77 5.63 21.52
N LEU C 82 -7.57 6.00 20.27
CA LEU C 82 -7.15 7.34 19.89
C LEU C 82 -8.34 8.09 19.31
N SER C 83 -8.80 9.11 20.03
CA SER C 83 -9.91 9.92 19.55
C SER C 83 -9.56 10.57 18.22
N THR C 84 -10.51 10.54 17.28
CA THR C 84 -10.31 11.11 15.96
C THR C 84 -10.56 12.61 15.92
N GLY C 85 -11.05 13.21 17.00
CA GLY C 85 -11.41 14.60 17.01
C GLY C 85 -12.77 14.90 16.39
N ILE C 86 -13.49 13.89 15.94
CA ILE C 86 -14.82 14.04 15.35
C ILE C 86 -15.78 13.20 16.20
N GLY C 87 -16.79 13.85 16.78
CA GLY C 87 -17.64 13.15 17.72
C GLY C 87 -18.44 12.02 17.09
N SER C 88 -19.05 12.28 15.94
CA SER C 88 -19.87 11.26 15.29
C SER C 88 -19.02 10.07 14.85
N LEU C 89 -17.84 10.33 14.28
CA LEU C 89 -16.98 9.24 13.86
C LEU C 89 -16.48 8.44 15.05
N ASP C 90 -16.18 9.10 16.18
CA ASP C 90 -15.87 8.37 17.40
C ASP C 90 -17.04 7.51 17.85
N LYS C 91 -18.27 8.00 17.66
CA LYS C 91 -19.44 7.21 18.01
C LYS C 91 -19.53 5.97 17.11
N LEU C 92 -19.24 6.13 15.83
CA LEU C 92 -19.25 4.98 14.93
C LEU C 92 -18.22 3.93 15.34
N LEU C 93 -17.02 4.37 15.70
CA LEU C 93 -15.90 3.47 15.94
C LEU C 93 -15.84 2.95 17.37
N ASP C 94 -16.78 3.34 18.23
CA ASP C 94 -16.71 3.03 19.65
C ASP C 94 -15.45 3.63 20.27
N ALA C 95 -15.42 4.96 20.29
CA ALA C 95 -14.39 5.82 20.88
C ALA C 95 -13.18 6.02 19.97
N GLY C 96 -13.12 5.41 18.80
CA GLY C 96 -12.10 5.76 17.82
C GLY C 96 -11.11 4.67 17.47
N LEU C 97 -9.96 5.07 16.93
CA LEU C 97 -8.98 4.13 16.41
C LEU C 97 -8.41 3.27 17.53
N TYR C 98 -8.13 2.01 17.20
CA TYR C 98 -7.45 1.09 18.10
C TYR C 98 -6.02 0.90 17.62
N THR C 99 -5.07 0.99 18.55
CA THR C 99 -3.69 0.63 18.23
C THR C 99 -3.56 -0.87 18.13
N GLY C 100 -2.61 -1.32 17.31
CA GLY C 100 -2.35 -2.73 17.14
C GLY C 100 -3.09 -3.38 15.99
N GLU C 101 -3.91 -2.65 15.26
CA GLU C 101 -4.65 -3.19 14.13
C GLU C 101 -4.55 -2.24 12.96
N VAL C 102 -5.05 -2.69 11.81
CA VAL C 102 -5.06 -1.90 10.59
C VAL C 102 -6.47 -1.40 10.34
N THR C 103 -6.60 -0.08 10.20
CA THR C 103 -7.87 0.55 9.90
C THR C 103 -7.79 1.17 8.51
N GLU C 104 -8.77 0.86 7.68
CA GLU C 104 -8.87 1.39 6.33
C GLU C 104 -10.04 2.34 6.23
N ILE C 105 -9.83 3.45 5.52
CA ILE C 105 -10.89 4.39 5.21
C ILE C 105 -11.08 4.35 3.71
N VAL C 106 -12.29 4.03 3.27
CA VAL C 106 -12.60 3.85 1.86
C VAL C 106 -13.63 4.88 1.46
N GLY C 107 -13.51 5.37 0.24
CA GLY C 107 -14.43 6.36 -0.28
C GLY C 107 -13.99 6.82 -1.65
N GLY C 108 -14.86 7.56 -2.29
CA GLY C 108 -14.58 8.11 -3.60
C GLY C 108 -13.74 9.35 -3.51
N PRO C 109 -13.46 9.94 -4.67
CA PRO C 109 -12.70 11.20 -4.70
C PRO C 109 -13.45 12.31 -3.97
N GLY C 110 -12.75 12.97 -3.05
CA GLY C 110 -13.33 14.05 -2.30
C GLY C 110 -14.27 13.63 -1.20
N SER C 111 -14.30 12.34 -0.84
CA SER C 111 -15.24 11.86 0.17
C SER C 111 -14.86 12.26 1.58
N GLY C 112 -13.59 12.58 1.83
CA GLY C 112 -13.19 13.06 3.14
C GLY C 112 -12.12 12.21 3.79
N LYS C 113 -11.44 11.37 3.01
CA LYS C 113 -10.41 10.50 3.58
C LYS C 113 -9.22 11.32 4.08
N THR C 114 -8.71 12.22 3.24
CA THR C 114 -7.59 13.07 3.65
C THR C 114 -8.00 14.00 4.78
N GLN C 115 -9.23 14.52 4.74
CA GLN C 115 -9.69 15.39 5.82
C GLN C 115 -9.69 14.64 7.15
N VAL C 116 -10.19 13.41 7.15
CA VAL C 116 -10.19 12.61 8.39
C VAL C 116 -8.76 12.35 8.84
N CYS C 117 -7.88 12.01 7.90
CA CYS C 117 -6.50 11.74 8.27
C CYS C 117 -5.85 12.97 8.91
N LEU C 118 -6.07 14.14 8.33
CA LEU C 118 -5.49 15.36 8.88
C LEU C 118 -6.13 15.73 10.22
N CYS C 119 -7.43 15.50 10.39
CA CYS C 119 -8.06 15.75 11.67
C CYS C 119 -7.45 14.87 12.75
N MET C 120 -7.25 13.58 12.46
CA MET C 120 -6.61 12.70 13.43
C MET C 120 -5.17 13.12 13.69
N ALA C 121 -4.45 13.53 12.65
CA ALA C 121 -3.06 13.96 12.84
C ALA C 121 -2.98 15.16 13.76
N ALA C 122 -3.85 16.16 13.53
CA ALA C 122 -3.86 17.34 14.38
C ALA C 122 -4.27 16.99 15.81
N ASN C 123 -5.28 16.14 15.98
CA ASN C 123 -5.74 15.78 17.31
C ASN C 123 -4.67 15.00 18.07
N VAL C 124 -3.90 14.18 17.36
CA VAL C 124 -2.83 13.42 18.02
C VAL C 124 -1.66 14.35 18.35
N ALA C 125 -1.32 15.26 17.44
CA ALA C 125 -0.16 16.13 17.66
C ALA C 125 -0.42 17.14 18.77
N HIS C 126 -1.66 17.63 18.88
CA HIS C 126 -1.99 18.64 19.88
C HIS C 126 -2.73 18.06 21.08
N GLY C 127 -3.83 17.33 20.85
CA GLY C 127 -4.59 16.78 21.96
C GLY C 127 -3.81 15.80 22.78
N LEU C 128 -3.03 14.93 22.13
CA LEU C 128 -2.25 13.91 22.82
C LEU C 128 -0.77 14.25 22.91
N GLN C 129 -0.28 15.16 22.06
CA GLN C 129 1.13 15.55 22.04
C GLN C 129 2.02 14.33 21.75
N GLN C 130 1.59 13.49 20.82
CA GLN C 130 2.33 12.31 20.42
C GLN C 130 2.71 12.43 18.95
N ASN C 131 3.89 11.92 18.61
CA ASN C 131 4.43 12.08 17.27
C ASN C 131 3.63 11.25 16.27
N VAL C 132 3.45 11.82 15.07
CA VAL C 132 2.72 11.19 13.98
C VAL C 132 3.66 11.10 12.80
N LEU C 133 3.53 10.03 12.03
CA LEU C 133 4.22 9.90 10.75
C LEU C 133 3.17 9.86 9.65
N TYR C 134 3.27 10.78 8.71
CA TYR C 134 2.34 10.90 7.59
C TYR C 134 3.08 10.59 6.31
N VAL C 135 2.68 9.52 5.64
CA VAL C 135 3.28 9.07 4.39
C VAL C 135 2.34 9.51 3.27
N ASP C 136 2.74 10.56 2.56
CA ASP C 136 1.94 11.14 1.50
C ASP C 136 2.41 10.61 0.16
N SER C 137 1.50 10.02 -0.59
CA SER C 137 1.80 9.48 -1.91
C SER C 137 1.09 10.23 -3.03
N ASN C 138 0.23 11.19 -2.70
CA ASN C 138 -0.56 11.90 -3.71
C ASN C 138 -0.58 13.40 -3.50
N GLY C 139 0.24 13.94 -2.60
CA GLY C 139 0.27 15.37 -2.35
C GLY C 139 -0.88 15.89 -1.53
N GLY C 140 -1.63 15.02 -0.86
CA GLY C 140 -2.81 15.48 -0.14
C GLY C 140 -2.48 16.36 1.04
N LEU C 141 -1.41 16.05 1.77
CA LEU C 141 -1.09 16.79 2.98
C LEU C 141 -0.67 18.22 2.64
N THR C 142 -1.22 19.17 3.38
CA THR C 142 -0.86 20.57 3.27
C THR C 142 -0.66 21.13 4.67
N ALA C 143 0.40 21.91 4.85
CA ALA C 143 0.71 22.43 6.19
C ALA C 143 -0.27 23.51 6.61
N SER C 144 -0.73 24.32 5.65
CA SER C 144 -1.66 25.39 5.98
C SER C 144 -2.97 24.84 6.50
N ARG C 145 -3.46 23.74 5.91
CA ARG C 145 -4.66 23.09 6.43
C ARG C 145 -4.44 22.55 7.84
N LEU C 146 -3.25 22.00 8.10
CA LEU C 146 -2.95 21.52 9.45
C LEU C 146 -2.99 22.66 10.45
N LEU C 147 -2.37 23.79 10.11
CA LEU C 147 -2.39 24.93 11.02
C LEU C 147 -3.80 25.48 11.19
N GLN C 148 -4.59 25.47 10.11
CA GLN C 148 -5.98 25.93 10.20
C GLN C 148 -6.77 25.05 11.16
N LEU C 149 -6.60 23.73 11.07
CA LEU C 149 -7.26 22.84 12.01
C LEU C 149 -6.76 23.09 13.42
N LEU C 150 -5.47 23.37 13.60
CA LEU C 150 -4.93 23.58 14.93
C LEU C 150 -5.48 24.86 15.57
N GLN C 151 -5.63 25.93 14.77
CA GLN C 151 -6.09 27.20 15.32
C GLN C 151 -7.50 27.08 15.89
N ALA C 152 -8.33 26.20 15.31
CA ALA C 152 -9.66 25.95 15.86
C ALA C 152 -9.61 25.25 17.20
N LYS C 153 -8.44 24.74 17.61
CA LYS C 153 -8.28 24.10 18.90
C LYS C 153 -7.68 25.01 19.95
N THR C 154 -6.75 25.89 19.57
CA THR C 154 -6.14 26.82 20.50
C THR C 154 -5.73 28.09 19.76
N GLN C 155 -5.68 29.19 20.50
CA GLN C 155 -5.20 30.47 19.97
C GLN C 155 -3.75 30.75 20.34
N ASP C 156 -3.07 29.81 21.01
CA ASP C 156 -1.69 29.99 21.40
C ASP C 156 -0.78 29.66 20.21
N GLU C 157 -0.08 30.68 19.70
CA GLU C 157 0.77 30.48 18.54
C GLU C 157 1.90 29.49 18.82
N GLU C 158 2.50 29.58 20.00
CA GLU C 158 3.62 28.70 20.33
C GLU C 158 3.16 27.25 20.37
N GLU C 159 1.98 26.98 20.95
CA GLU C 159 1.47 25.62 20.97
C GLU C 159 1.18 25.10 19.56
N GLN C 160 0.67 25.97 18.69
CA GLN C 160 0.46 25.56 17.30
C GLN C 160 1.77 25.19 16.63
N ALA C 161 2.82 25.99 16.84
CA ALA C 161 4.11 25.65 16.27
C ALA C 161 4.65 24.33 16.83
N GLU C 162 4.52 24.14 18.15
CA GLU C 162 4.99 22.90 18.75
C GLU C 162 4.26 21.70 18.17
N ALA C 163 2.94 21.82 17.99
CA ALA C 163 2.19 20.73 17.37
C ALA C 163 2.67 20.48 15.94
N LEU C 164 2.89 21.55 15.18
CA LEU C 164 3.41 21.38 13.83
C LEU C 164 4.80 20.73 13.82
N ARG C 165 5.54 20.81 14.92
CA ARG C 165 6.83 20.15 14.98
C ARG C 165 6.74 18.68 15.34
N ARG C 166 5.59 18.19 15.79
CA ARG C 166 5.43 16.79 16.19
C ARG C 166 4.93 15.89 15.06
N ILE C 167 4.74 16.43 13.87
CA ILE C 167 4.25 15.67 12.72
C ILE C 167 5.38 15.54 11.72
N GLN C 168 5.81 14.31 11.44
CA GLN C 168 6.78 14.03 10.41
C GLN C 168 6.06 13.75 9.10
N VAL C 169 6.58 14.31 8.02
CA VAL C 169 6.01 14.16 6.69
C VAL C 169 7.03 13.46 5.81
N VAL C 170 6.60 12.40 5.11
CA VAL C 170 7.45 11.66 4.21
C VAL C 170 6.75 11.55 2.86
N HIS C 171 7.55 11.60 1.80
CA HIS C 171 7.07 11.45 0.44
C HIS C 171 7.57 10.13 -0.12
N ALA C 172 6.65 9.28 -0.58
CA ALA C 172 6.97 8.00 -1.17
C ALA C 172 6.01 7.78 -2.33
N PHE C 173 6.51 7.88 -3.55
CA PHE C 173 5.67 7.89 -4.73
C PHE C 173 5.65 6.55 -5.47
N ASP C 174 6.36 5.53 -4.98
CA ASP C 174 6.31 4.20 -5.58
C ASP C 174 6.41 3.15 -4.49
N ILE C 175 6.14 1.90 -4.88
CA ILE C 175 6.05 0.82 -3.90
C ILE C 175 7.40 0.61 -3.20
N PHE C 176 8.49 0.71 -3.95
CA PHE C 176 9.80 0.45 -3.36
C PHE C 176 10.19 1.56 -2.38
N GLN C 177 9.85 2.81 -2.69
CA GLN C 177 10.06 3.89 -1.73
C GLN C 177 9.21 3.69 -0.49
N MET C 178 7.94 3.29 -0.66
CA MET C 178 7.09 3.02 0.50
C MET C 178 7.67 1.92 1.38
N LEU C 179 8.10 0.82 0.76
CA LEU C 179 8.66 -0.28 1.52
C LEU C 179 9.93 0.16 2.25
N ASP C 180 10.77 0.95 1.58
CA ASP C 180 11.98 1.47 2.21
C ASP C 180 11.63 2.33 3.42
N VAL C 181 10.64 3.21 3.27
CA VAL C 181 10.26 4.09 4.38
C VAL C 181 9.73 3.28 5.55
N LEU C 182 8.87 2.30 5.28
CA LEU C 182 8.30 1.50 6.35
C LEU C 182 9.36 0.65 7.05
N GLN C 183 10.31 0.08 6.28
CA GLN C 183 11.38 -0.68 6.90
C GLN C 183 12.30 0.23 7.70
N GLU C 184 12.53 1.46 7.22
CA GLU C 184 13.31 2.42 7.99
C GLU C 184 12.64 2.74 9.32
N LEU C 185 11.31 2.93 9.29
CA LEU C 185 10.58 3.17 10.54
C LEU C 185 10.69 1.98 11.47
N ARG C 186 10.58 0.76 10.93
CA ARG C 186 10.71 -0.43 11.74
C ARG C 186 12.08 -0.50 12.40
N GLY C 187 13.13 -0.22 11.62
CA GLY C 187 14.48 -0.23 12.18
C GLY C 187 14.67 0.86 13.23
N THR C 188 14.14 2.06 12.97
CA THR C 188 14.25 3.14 13.94
C THR C 188 13.60 2.75 15.26
N VAL C 189 12.40 2.16 15.21
CA VAL C 189 11.77 1.68 16.43
C VAL C 189 12.61 0.59 17.07
N ALA C 190 13.26 -0.25 16.26
CA ALA C 190 14.14 -1.27 16.81
C ALA C 190 15.29 -0.66 17.59
N GLN C 191 15.83 0.46 17.12
CA GLN C 191 16.90 1.14 17.86
C GLN C 191 16.38 1.74 19.15
N GLN C 192 15.43 2.67 19.05
CA GLN C 192 14.81 3.31 20.21
C GLN C 192 13.82 2.34 20.87
N VAL C 193 14.39 1.34 21.54
CA VAL C 193 13.56 0.38 22.27
C VAL C 193 12.84 1.07 23.42
N THR C 194 13.55 1.92 24.16
CA THR C 194 12.99 2.61 25.32
C THR C 194 12.57 4.04 25.01
N GLY C 195 12.71 4.49 23.77
CA GLY C 195 12.34 5.85 23.41
C GLY C 195 10.90 6.18 23.72
N SER C 196 10.67 7.30 24.40
CA SER C 196 9.32 7.70 24.80
C SER C 196 8.98 9.13 24.38
N SER C 197 9.94 10.05 24.43
CA SER C 197 9.65 11.44 24.10
C SER C 197 9.22 11.60 22.65
N GLY C 198 9.90 10.91 21.73
CA GLY C 198 9.54 10.93 20.33
C GLY C 198 8.66 9.75 19.98
N THR C 199 9.23 8.75 19.32
CA THR C 199 8.61 7.44 19.15
C THR C 199 7.18 7.56 18.62
N VAL C 200 7.12 7.97 17.35
CA VAL C 200 5.86 8.09 16.62
C VAL C 200 4.94 6.92 16.97
N LYS C 201 3.67 7.23 17.22
CA LYS C 201 2.69 6.24 17.63
C LYS C 201 1.57 6.02 16.62
N VAL C 202 1.42 6.88 15.62
CA VAL C 202 0.41 6.73 14.59
C VAL C 202 1.10 6.86 13.23
N VAL C 203 0.74 5.98 12.31
CA VAL C 203 1.24 6.02 10.94
C VAL C 203 0.04 6.13 10.01
N VAL C 204 0.00 7.22 9.24
CA VAL C 204 -1.01 7.42 8.21
C VAL C 204 -0.34 7.15 6.88
N VAL C 205 -0.99 6.36 6.04
CA VAL C 205 -0.51 6.07 4.68
C VAL C 205 -1.62 6.50 3.74
N ASP C 206 -1.42 7.63 3.07
CA ASP C 206 -2.46 8.21 2.23
C ASP C 206 -2.36 7.63 0.83
N SER C 207 -3.41 6.93 0.42
CA SER C 207 -3.49 6.26 -0.89
C SER C 207 -2.41 5.18 -1.02
N VAL C 208 -2.57 4.14 -0.20
CA VAL C 208 -1.90 2.88 -0.49
C VAL C 208 -2.24 2.43 -1.91
N THR C 209 -3.45 2.75 -2.36
CA THR C 209 -3.84 2.44 -3.74
C THR C 209 -2.94 3.15 -4.74
N ALA C 210 -2.56 4.40 -4.46
CA ALA C 210 -1.77 5.17 -5.42
C ALA C 210 -0.50 4.41 -5.83
N VAL C 211 0.11 3.70 -4.90
CA VAL C 211 1.33 2.95 -5.22
C VAL C 211 1.01 1.52 -5.63
N VAL C 212 0.02 0.88 -5.02
CA VAL C 212 -0.22 -0.54 -5.31
C VAL C 212 -0.82 -0.72 -6.71
N SER C 213 -1.80 0.11 -7.07
CA SER C 213 -2.58 -0.15 -8.27
C SER C 213 -1.75 -0.31 -9.54
N PRO C 214 -0.71 0.47 -9.80
CA PRO C 214 0.06 0.29 -11.04
C PRO C 214 0.96 -0.94 -11.05
N LEU C 215 0.99 -1.73 -9.98
CA LEU C 215 1.72 -2.99 -10.00
C LEU C 215 0.88 -4.14 -10.54
N LEU C 216 -0.42 -3.94 -10.74
CA LEU C 216 -1.34 -4.99 -11.16
C LEU C 216 -1.67 -4.79 -12.63
N GLY C 217 -1.46 -5.82 -13.43
CA GLY C 217 -1.66 -5.74 -14.86
C GLY C 217 -0.95 -6.86 -15.59
N GLY C 218 -1.55 -7.38 -16.66
CA GLY C 218 -0.99 -8.54 -17.32
C GLY C 218 -1.22 -9.79 -16.50
N GLN C 219 -0.56 -10.87 -16.93
CA GLN C 219 -0.68 -12.16 -16.25
C GLN C 219 0.38 -12.36 -15.18
N GLN C 220 1.34 -11.45 -15.05
CA GLN C 220 2.37 -11.59 -14.03
C GLN C 220 1.74 -11.47 -12.64
N ARG C 221 2.34 -12.18 -11.68
CA ARG C 221 1.89 -12.16 -10.30
C ARG C 221 2.86 -11.43 -9.39
N GLU C 222 3.82 -10.70 -9.94
CA GLU C 222 4.75 -9.94 -9.10
C GLU C 222 4.03 -8.83 -8.34
N GLY C 223 3.03 -8.21 -8.97
CA GLY C 223 2.28 -7.17 -8.29
C GLY C 223 1.52 -7.68 -7.08
N LEU C 224 0.91 -8.87 -7.20
CA LEU C 224 0.22 -9.46 -6.07
C LEU C 224 1.18 -9.72 -4.92
N ALA C 225 2.37 -10.24 -5.23
CA ALA C 225 3.36 -10.49 -4.19
C ALA C 225 3.81 -9.20 -3.53
N LEU C 226 4.00 -8.15 -4.31
CA LEU C 226 4.42 -6.86 -3.74
C LEU C 226 3.32 -6.28 -2.86
N MET C 227 2.06 -6.36 -3.30
CA MET C 227 0.96 -5.88 -2.47
C MET C 227 0.89 -6.67 -1.16
N MET C 228 1.06 -7.99 -1.24
CA MET C 228 1.03 -8.80 -0.02
C MET C 228 2.20 -8.47 0.88
N GLN C 229 3.38 -8.18 0.31
CA GLN C 229 4.51 -7.76 1.12
C GLN C 229 4.24 -6.45 1.83
N LEU C 230 3.61 -5.50 1.13
CA LEU C 230 3.22 -4.25 1.78
C LEU C 230 2.22 -4.50 2.90
N ALA C 231 1.27 -5.42 2.67
CA ALA C 231 0.34 -5.79 3.73
C ALA C 231 1.07 -6.38 4.93
N ARG C 232 2.07 -7.22 4.68
CA ARG C 232 2.86 -7.77 5.78
C ARG C 232 3.59 -6.67 6.53
N GLU C 233 4.16 -5.71 5.81
CA GLU C 233 4.85 -4.59 6.46
C GLU C 233 3.88 -3.80 7.35
N LEU C 234 2.70 -3.49 6.83
CA LEU C 234 1.72 -2.76 7.62
C LEU C 234 1.28 -3.56 8.83
N LYS C 235 1.08 -4.87 8.66
CA LYS C 235 0.62 -5.71 9.76
C LYS C 235 1.68 -5.82 10.85
N THR C 236 2.96 -5.90 10.47
CA THR C 236 4.00 -5.95 11.49
C THR C 236 4.14 -4.59 12.19
N LEU C 237 4.02 -3.49 11.44
CA LEU C 237 4.04 -2.19 12.10
C LEU C 237 2.91 -2.07 13.11
N ALA C 238 1.71 -2.53 12.75
CA ALA C 238 0.58 -2.42 13.65
C ALA C 238 0.72 -3.35 14.85
N ARG C 239 0.84 -4.66 14.60
CA ARG C 239 0.73 -5.63 15.68
C ARG C 239 2.04 -5.77 16.46
N ASP C 240 3.17 -5.91 15.76
CA ASP C 240 4.43 -6.16 16.46
C ASP C 240 4.87 -4.94 17.26
N LEU C 241 4.86 -3.76 16.63
CA LEU C 241 5.28 -2.54 17.30
C LEU C 241 4.15 -1.85 18.05
N GLY C 242 2.90 -2.31 17.88
CA GLY C 242 1.81 -1.82 18.68
C GLY C 242 1.35 -0.42 18.39
N MET C 243 1.44 0.03 17.15
CA MET C 243 1.02 1.38 16.78
C MET C 243 -0.23 1.33 15.92
N ALA C 244 -0.97 2.45 15.93
CA ALA C 244 -2.14 2.59 15.09
C ALA C 244 -1.70 2.90 13.66
N VAL C 245 -2.27 2.16 12.71
CA VAL C 245 -1.95 2.28 11.29
C VAL C 245 -3.23 2.57 10.54
N VAL C 246 -3.32 3.75 9.94
CA VAL C 246 -4.46 4.13 9.11
C VAL C 246 -3.99 4.13 7.67
N VAL C 247 -4.79 3.51 6.80
CA VAL C 247 -4.48 3.38 5.39
C VAL C 247 -5.68 3.89 4.60
N THR C 248 -5.43 4.67 3.57
CA THR C 248 -6.49 5.17 2.71
C THR C 248 -6.54 4.35 1.43
N ASN C 249 -7.75 3.97 1.03
CA ASN C 249 -7.96 3.13 -0.15
C ASN C 249 -9.16 3.65 -0.93
N HIS C 250 -9.16 3.40 -2.24
CA HIS C 250 -10.24 3.83 -3.10
C HIS C 250 -11.43 2.87 -2.99
N ILE C 251 -12.52 3.25 -3.67
CA ILE C 251 -13.73 2.45 -3.74
C ILE C 251 -13.98 2.12 -5.21
N THR C 252 -14.72 1.04 -5.44
CA THR C 252 -15.07 0.66 -6.80
C THR C 252 -16.43 -0.03 -6.79
N ARG C 253 -17.07 -0.05 -7.96
CA ARG C 253 -18.34 -0.71 -8.16
C ARG C 253 -18.24 -1.61 -9.38
N ASP C 254 -18.63 -2.87 -9.21
CA ASP C 254 -18.56 -3.84 -10.31
C ASP C 254 -19.74 -3.67 -11.26
N ARG C 255 -19.52 -4.04 -12.51
CA ARG C 255 -20.59 -3.94 -13.50
C ARG C 255 -21.76 -4.86 -13.14
N ASP C 256 -21.47 -6.08 -12.71
CA ASP C 256 -22.50 -7.01 -12.27
C ASP C 256 -22.77 -6.87 -10.77
N SER C 257 -21.73 -6.90 -9.96
CA SER C 257 -21.85 -6.67 -8.52
C SER C 257 -21.89 -5.17 -8.29
N GLY C 258 -23.10 -4.62 -8.22
CA GLY C 258 -23.31 -3.20 -8.12
C GLY C 258 -23.09 -2.60 -6.75
N ARG C 259 -22.80 -3.41 -5.74
CA ARG C 259 -22.47 -2.88 -4.43
C ARG C 259 -21.10 -2.19 -4.47
N LEU C 260 -20.83 -1.41 -3.43
CA LEU C 260 -19.56 -0.70 -3.29
C LEU C 260 -18.59 -1.56 -2.49
N LYS C 261 -17.32 -1.52 -2.88
CA LYS C 261 -16.30 -2.38 -2.29
C LYS C 261 -14.94 -1.72 -2.46
N PRO C 262 -13.94 -2.15 -1.69
CA PRO C 262 -12.57 -1.66 -1.91
C PRO C 262 -12.05 -1.97 -3.31
N ALA C 263 -10.85 -1.49 -3.65
CA ALA C 263 -10.41 -1.45 -5.04
C ALA C 263 -9.23 -2.34 -5.38
N LEU C 264 -8.64 -3.06 -4.43
CA LEU C 264 -7.41 -3.79 -4.69
C LEU C 264 -7.60 -5.30 -4.88
N GLY C 265 -8.85 -5.78 -4.93
CA GLY C 265 -9.11 -7.16 -5.26
C GLY C 265 -9.40 -8.02 -4.04
N ARG C 266 -9.59 -9.31 -4.31
CA ARG C 266 -10.02 -10.25 -3.28
C ARG C 266 -8.96 -10.43 -2.20
N SER C 267 -7.69 -10.55 -2.60
CA SER C 267 -6.65 -10.79 -1.61
C SER C 267 -6.50 -9.61 -0.66
N TRP C 268 -6.63 -8.39 -1.17
CA TRP C 268 -6.55 -7.22 -0.29
C TRP C 268 -7.74 -7.14 0.64
N SER C 269 -8.91 -7.63 0.21
CA SER C 269 -10.12 -7.50 1.00
C SER C 269 -9.96 -8.13 2.38
N PHE C 270 -9.06 -9.10 2.52
CA PHE C 270 -8.82 -9.75 3.80
C PHE C 270 -7.85 -8.99 4.69
N VAL C 271 -7.22 -7.93 4.19
CA VAL C 271 -6.06 -7.33 4.86
C VAL C 271 -6.47 -6.47 6.06
N PRO C 272 -7.34 -5.47 5.90
CA PRO C 272 -7.65 -4.58 7.02
C PRO C 272 -8.49 -5.25 8.10
N SER C 273 -8.18 -4.91 9.34
CA SER C 273 -8.98 -5.36 10.47
C SER C 273 -10.26 -4.56 10.62
N THR C 274 -10.22 -3.26 10.36
CA THR C 274 -11.40 -2.39 10.43
C THR C 274 -11.52 -1.62 9.13
N ARG C 275 -12.76 -1.38 8.68
CA ARG C 275 -12.99 -0.64 7.45
C ARG C 275 -14.17 0.31 7.61
N ILE C 276 -13.93 1.58 7.30
CA ILE C 276 -14.95 2.63 7.37
C ILE C 276 -15.22 3.12 5.97
N LEU C 277 -16.47 3.01 5.53
CA LEU C 277 -16.89 3.50 4.22
C LEU C 277 -17.51 4.89 4.39
N LEU C 278 -17.05 5.84 3.57
CA LEU C 278 -17.57 7.20 3.53
C LEU C 278 -18.32 7.40 2.22
N ASP C 279 -19.51 7.98 2.30
CA ASP C 279 -20.37 8.20 1.14
C ASP C 279 -20.95 9.60 1.20
N THR C 280 -21.55 10.02 0.09
CA THR C 280 -22.20 11.31 -0.04
C THR C 280 -23.66 11.10 -0.41
N ILE C 281 -24.50 12.06 -0.03
CA ILE C 281 -25.94 11.96 -0.24
C ILE C 281 -26.25 11.80 -1.72
N SER C 287 -22.69 18.62 -0.90
CA SER C 287 -22.15 19.93 -0.55
C SER C 287 -20.71 19.80 -0.09
N GLY C 288 -20.20 20.86 0.55
CA GLY C 288 -18.83 20.81 1.05
C GLY C 288 -18.64 19.74 2.10
N GLY C 289 -19.58 19.65 3.06
CA GLY C 289 -19.53 18.62 4.07
C GLY C 289 -20.64 17.62 3.91
N ARG C 290 -21.24 17.21 5.02
CA ARG C 290 -22.40 16.32 5.01
C ARG C 290 -22.08 15.00 4.30
N ARG C 291 -21.17 14.26 4.93
CA ARG C 291 -20.85 12.89 4.52
C ARG C 291 -21.54 11.90 5.45
N MET C 292 -21.69 10.67 4.98
CA MET C 292 -22.20 9.56 5.76
C MET C 292 -21.10 8.54 5.96
N ALA C 293 -21.02 7.97 7.17
CA ALA C 293 -19.99 7.00 7.50
C ALA C 293 -20.63 5.74 8.07
N CYS C 294 -20.12 4.59 7.64
CA CYS C 294 -20.61 3.31 8.13
C CYS C 294 -19.47 2.30 8.21
N LEU C 295 -19.67 1.28 9.05
CA LEU C 295 -18.69 0.20 9.17
C LEU C 295 -18.94 -0.83 8.09
N ALA C 296 -17.93 -1.07 7.25
CA ALA C 296 -18.01 -2.13 6.24
C ALA C 296 -17.33 -3.41 6.69
N LYS C 297 -16.62 -3.39 7.80
CA LYS C 297 -15.88 -4.56 8.29
C LYS C 297 -15.42 -4.31 9.71
N SER C 298 -15.70 -5.25 10.61
CA SER C 298 -15.32 -5.09 12.01
C SER C 298 -15.27 -6.46 12.65
N SER C 299 -14.50 -6.56 13.74
CA SER C 299 -14.44 -7.75 14.56
C SER C 299 -15.15 -7.58 15.90
N ARG C 300 -15.70 -6.39 16.18
CA ARG C 300 -16.34 -6.12 17.45
C ARG C 300 -17.76 -5.58 17.33
N GLN C 301 -18.24 -5.30 16.14
CA GLN C 301 -19.55 -4.67 15.96
C GLN C 301 -20.25 -5.27 14.75
N PRO C 302 -21.57 -5.22 14.71
CA PRO C 302 -22.28 -5.49 13.46
C PRO C 302 -21.98 -4.43 12.42
N THR C 303 -22.04 -4.82 11.16
CA THR C 303 -21.77 -3.93 10.05
C THR C 303 -23.07 -3.39 9.46
N GLY C 304 -23.01 -2.16 8.95
CA GLY C 304 -24.13 -1.55 8.26
C GLY C 304 -24.70 -0.31 8.92
N PHE C 305 -24.35 -0.03 10.17
CA PHE C 305 -24.88 1.15 10.86
C PHE C 305 -24.18 2.41 10.35
N GLN C 306 -24.98 3.42 10.00
CA GLN C 306 -24.48 4.63 9.36
C GLN C 306 -24.91 5.85 10.14
N GLU C 307 -23.98 6.80 10.32
CA GLU C 307 -24.36 8.12 10.82
C GLU C 307 -23.56 9.20 10.11
N MET C 308 -24.00 10.43 10.32
CA MET C 308 -23.52 11.59 9.56
C MET C 308 -22.29 12.23 10.20
N VAL C 309 -21.42 12.78 9.36
CA VAL C 309 -20.28 13.57 9.77
C VAL C 309 -20.21 14.80 8.88
N ASP C 310 -19.74 15.91 9.43
CA ASP C 310 -19.66 17.17 8.69
C ASP C 310 -18.21 17.62 8.61
N ILE C 311 -17.71 17.75 7.38
CA ILE C 311 -16.33 18.21 7.19
C ILE C 311 -16.20 19.68 7.52
N GLY C 312 -17.21 20.49 7.15
CA GLY C 312 -17.10 21.93 7.36
C GLY C 312 -16.88 22.31 8.82
N THR C 313 -17.58 21.64 9.73
CA THR C 313 -17.42 21.94 11.16
C THR C 313 -16.12 21.39 11.71
N TRP C 314 -15.73 20.17 11.33
CA TRP C 314 -14.50 19.57 11.81
C TRP C 314 -13.71 18.95 10.67
N GLY D 20 -8.82 -39.96 27.06
CA GLY D 20 -9.83 -40.11 25.96
C GLY D 20 -9.99 -38.83 25.16
N ARG D 21 -10.61 -38.96 23.98
CA ARG D 21 -10.83 -37.83 23.09
C ARG D 21 -12.32 -37.68 22.82
N SER D 22 -12.77 -36.44 22.76
CA SER D 22 -14.16 -36.15 22.46
C SER D 22 -14.45 -36.39 20.98
N SER D 23 -15.74 -36.50 20.67
CA SER D 23 -16.19 -36.68 19.30
C SER D 23 -16.52 -35.33 18.66
N LEU D 24 -16.57 -35.32 17.33
CA LEU D 24 -16.97 -34.11 16.62
C LEU D 24 -18.42 -33.76 16.93
N LYS D 25 -19.26 -34.75 17.21
CA LYS D 25 -20.63 -34.46 17.63
C LYS D 25 -20.65 -33.73 18.96
N GLU D 26 -19.81 -34.16 19.90
CA GLU D 26 -19.75 -33.49 21.20
C GLU D 26 -19.22 -32.07 21.06
N ILE D 27 -18.21 -31.87 20.22
CA ILE D 27 -17.61 -30.55 20.07
C ILE D 27 -18.64 -29.56 19.53
N GLU D 28 -19.38 -29.96 18.51
CA GLU D 28 -20.39 -29.09 17.89
C GLU D 28 -21.53 -29.96 17.38
N PRO D 29 -22.54 -30.22 18.22
CA PRO D 29 -23.61 -31.14 17.82
C PRO D 29 -24.52 -30.61 16.74
N ASN D 30 -24.35 -29.37 16.26
CA ASN D 30 -25.21 -28.83 15.22
C ASN D 30 -24.63 -29.03 13.83
N LEU D 31 -23.31 -29.13 13.70
CA LEU D 31 -22.67 -29.39 12.42
C LEU D 31 -22.25 -30.83 12.24
N PHE D 32 -22.06 -31.57 13.33
CA PHE D 32 -21.55 -32.93 13.28
C PHE D 32 -22.52 -33.89 13.96
N ALA D 33 -23.81 -33.77 13.66
CA ALA D 33 -24.81 -34.63 14.30
C ALA D 33 -24.55 -36.10 14.01
N ASP D 34 -23.99 -36.42 12.85
CA ASP D 34 -23.76 -37.80 12.42
C ASP D 34 -22.29 -38.18 12.50
N GLU D 35 -21.53 -37.57 13.41
CA GLU D 35 -20.12 -37.86 13.58
C GLU D 35 -19.83 -38.32 15.01
N ASP D 36 -20.65 -39.23 15.52
CA ASP D 36 -20.53 -39.65 16.92
C ASP D 36 -19.24 -40.39 17.22
N SER D 37 -18.50 -40.83 16.21
CA SER D 37 -17.29 -41.59 16.45
C SER D 37 -16.22 -40.71 17.10
N PRO D 38 -15.48 -41.22 18.08
CA PRO D 38 -14.39 -40.42 18.67
C PRO D 38 -13.31 -40.10 17.64
N VAL D 39 -12.70 -38.94 17.81
CA VAL D 39 -11.71 -38.45 16.84
C VAL D 39 -10.40 -39.21 17.03
N HIS D 40 -9.85 -39.71 15.92
CA HIS D 40 -8.54 -40.35 15.90
C HIS D 40 -7.63 -39.68 14.87
N GLY D 41 -7.81 -38.37 14.70
CA GLY D 41 -7.10 -37.61 13.69
C GLY D 41 -8.04 -37.15 12.60
N ASP D 42 -8.49 -35.91 12.69
CA ASP D 42 -9.47 -35.35 11.78
C ASP D 42 -9.00 -33.99 11.29
N ILE D 43 -9.26 -33.71 10.02
CA ILE D 43 -8.87 -32.46 9.39
C ILE D 43 -10.09 -31.86 8.71
N LEU D 44 -10.35 -30.58 8.96
CA LEU D 44 -11.49 -29.89 8.40
C LEU D 44 -11.05 -28.53 7.88
N GLU D 45 -11.70 -28.08 6.81
CA GLU D 45 -11.38 -26.80 6.21
C GLU D 45 -12.59 -25.89 6.21
N PHE D 46 -12.38 -24.62 6.58
CA PHE D 46 -13.37 -23.56 6.45
C PHE D 46 -12.96 -22.65 5.30
N HIS D 47 -13.87 -22.45 4.35
CA HIS D 47 -13.59 -21.70 3.13
C HIS D 47 -14.69 -20.67 2.91
N GLY D 48 -14.32 -19.51 2.37
CA GLY D 48 -15.27 -18.48 2.05
C GLY D 48 -14.67 -17.09 2.02
N PRO D 49 -15.45 -16.11 1.54
CA PRO D 49 -14.93 -14.74 1.44
C PRO D 49 -14.76 -14.05 2.78
N GLU D 50 -14.35 -12.78 2.75
CA GLU D 50 -14.06 -12.03 3.97
C GLU D 50 -15.35 -11.59 4.65
N GLY D 51 -15.34 -11.65 5.98
CA GLY D 51 -16.50 -11.23 6.74
C GLY D 51 -17.68 -12.18 6.69
N THR D 52 -17.44 -13.46 6.44
CA THR D 52 -18.50 -14.47 6.40
C THR D 52 -18.56 -15.32 7.65
N GLY D 53 -17.75 -15.02 8.66
CA GLY D 53 -17.88 -15.66 9.96
C GLY D 53 -16.99 -16.85 10.21
N LYS D 54 -15.92 -17.02 9.43
CA LYS D 54 -15.00 -18.13 9.67
C LYS D 54 -14.31 -17.99 11.02
N THR D 55 -13.75 -16.81 11.29
CA THR D 55 -13.07 -16.60 12.57
C THR D 55 -14.07 -16.56 13.72
N GLU D 56 -15.30 -16.12 13.46
CA GLU D 56 -16.33 -16.19 14.50
C GLU D 56 -16.68 -17.64 14.82
N MET D 57 -16.73 -18.51 13.80
CA MET D 57 -16.92 -19.93 14.05
C MET D 57 -15.76 -20.50 14.86
N LEU D 58 -14.53 -20.06 14.56
CA LEU D 58 -13.39 -20.49 15.36
C LEU D 58 -13.52 -20.03 16.80
N TYR D 59 -14.02 -18.82 17.02
CA TYR D 59 -14.28 -18.36 18.38
C TYR D 59 -15.34 -19.24 19.06
N HIS D 60 -16.38 -19.61 18.32
CA HIS D 60 -17.43 -20.45 18.88
C HIS D 60 -16.87 -21.79 19.34
N LEU D 61 -16.07 -22.45 18.50
CA LEU D 61 -15.47 -23.71 18.89
C LEU D 61 -14.49 -23.53 20.04
N THR D 62 -13.69 -22.47 20.00
CA THR D 62 -12.75 -22.20 21.09
C THR D 62 -13.48 -22.04 22.41
N ALA D 63 -14.61 -21.32 22.39
CA ALA D 63 -15.38 -21.13 23.62
C ALA D 63 -15.98 -22.45 24.09
N ARG D 64 -16.52 -23.26 23.16
CA ARG D 64 -17.06 -24.55 23.55
C ARG D 64 -15.99 -25.46 24.15
N CYS D 65 -14.73 -25.29 23.76
CA CYS D 65 -13.67 -26.12 24.31
C CYS D 65 -13.11 -25.59 25.62
N ILE D 66 -12.77 -24.31 25.69
CA ILE D 66 -12.06 -23.79 26.86
C ILE D 66 -12.99 -23.42 28.01
N LEU D 67 -14.29 -23.34 27.77
CA LEU D 67 -15.21 -23.00 28.84
C LEU D 67 -15.29 -24.15 29.85
N PRO D 68 -15.62 -23.87 31.11
CA PRO D 68 -15.70 -24.93 32.10
C PRO D 68 -16.84 -25.89 31.80
N LYS D 69 -16.70 -27.12 32.31
CA LYS D 69 -17.78 -28.08 32.20
C LYS D 69 -19.01 -27.62 32.97
N SER D 70 -18.83 -26.79 34.00
CA SER D 70 -19.97 -26.26 34.73
C SER D 70 -20.85 -25.39 33.85
N GLU D 71 -20.26 -24.71 32.86
CA GLU D 71 -20.99 -23.82 31.97
C GLU D 71 -21.29 -24.46 30.63
N GLY D 72 -21.13 -25.78 30.50
CA GLY D 72 -21.44 -26.47 29.27
C GLY D 72 -20.30 -26.59 28.28
N GLY D 73 -19.06 -26.38 28.72
CA GLY D 73 -17.91 -26.54 27.87
C GLY D 73 -17.24 -27.90 28.05
N LEU D 74 -16.16 -28.10 27.30
CA LEU D 74 -15.38 -29.33 27.37
C LEU D 74 -14.13 -29.19 28.24
N GLU D 75 -13.63 -27.97 28.43
CA GLU D 75 -12.45 -27.72 29.26
C GLU D 75 -11.22 -28.44 28.70
N VAL D 76 -10.94 -28.18 27.43
CA VAL D 76 -9.76 -28.71 26.76
C VAL D 76 -9.00 -27.54 26.14
N GLU D 77 -7.69 -27.72 25.96
CA GLU D 77 -6.84 -26.63 25.53
C GLU D 77 -6.89 -26.46 24.00
N VAL D 78 -6.65 -25.24 23.57
CA VAL D 78 -6.70 -24.87 22.15
C VAL D 78 -5.41 -24.15 21.79
N LEU D 79 -4.91 -24.44 20.59
CA LEU D 79 -3.74 -23.77 20.05
C LEU D 79 -4.15 -23.04 18.77
N PHE D 80 -3.89 -21.74 18.73
CA PHE D 80 -4.28 -20.87 17.63
C PHE D 80 -3.00 -20.39 16.96
N ILE D 81 -2.89 -20.64 15.66
CA ILE D 81 -1.77 -20.16 14.85
C ILE D 81 -2.31 -19.07 13.96
N ASP D 82 -1.86 -17.84 14.18
CA ASP D 82 -2.37 -16.66 13.48
C ASP D 82 -1.33 -16.20 12.48
N THR D 83 -1.65 -16.31 11.19
CA THR D 83 -0.80 -15.79 10.13
C THR D 83 -1.37 -14.52 9.49
N ASP D 84 -2.61 -14.15 9.80
CA ASP D 84 -3.17 -12.89 9.36
C ASP D 84 -2.97 -11.77 10.38
N TYR D 85 -2.61 -12.10 11.62
CA TYR D 85 -2.51 -11.13 12.71
C TYR D 85 -3.86 -10.50 13.04
N HIS D 86 -4.96 -11.16 12.69
CA HIS D 86 -6.29 -10.62 12.90
C HIS D 86 -6.93 -11.07 14.22
N PHE D 87 -6.27 -11.92 14.99
CA PHE D 87 -6.86 -12.37 16.24
C PHE D 87 -7.11 -11.18 17.16
N ASP D 88 -8.31 -11.11 17.71
CA ASP D 88 -8.74 -10.01 18.57
C ASP D 88 -9.08 -10.57 19.94
N MET D 89 -8.23 -10.26 20.94
CA MET D 89 -8.45 -10.78 22.28
C MET D 89 -9.70 -10.18 22.92
N LEU D 90 -9.99 -8.92 22.64
CA LEU D 90 -11.15 -8.27 23.23
C LEU D 90 -12.44 -8.94 22.80
N ARG D 91 -12.54 -9.30 21.52
CA ARG D 91 -13.76 -9.95 21.02
C ARG D 91 -13.98 -11.31 21.69
N LEU D 92 -12.91 -12.11 21.80
CA LEU D 92 -13.04 -13.40 22.47
C LEU D 92 -13.42 -13.21 23.93
N VAL D 93 -12.85 -12.19 24.58
CA VAL D 93 -13.16 -11.95 25.99
C VAL D 93 -14.63 -11.59 26.16
N THR D 94 -15.16 -10.73 25.28
CA THR D 94 -16.57 -10.35 25.43
C THR D 94 -17.48 -11.54 25.14
N ILE D 95 -17.10 -12.38 24.17
CA ILE D 95 -17.89 -13.59 23.91
C ILE D 95 -17.91 -14.47 25.15
N LEU D 96 -16.75 -14.66 25.78
CA LEU D 96 -16.70 -15.47 26.99
C LEU D 96 -17.54 -14.87 28.10
N GLU D 97 -17.50 -13.55 28.25
CA GLU D 97 -18.30 -12.89 29.28
C GLU D 97 -19.79 -13.10 29.04
N HIS D 98 -20.22 -12.99 27.78
CA HIS D 98 -21.64 -13.16 27.48
C HIS D 98 -22.08 -14.62 27.64
N ARG D 99 -21.19 -15.58 27.41
CA ARG D 99 -21.58 -16.97 27.52
C ARG D 99 -21.47 -17.52 28.94
N LEU D 100 -20.99 -16.72 29.88
CA LEU D 100 -20.89 -17.16 31.27
C LEU D 100 -22.08 -16.66 32.07
N SER D 101 -22.64 -17.55 32.89
CA SER D 101 -23.75 -17.16 33.76
C SER D 101 -23.30 -16.15 34.82
N GLN D 102 -22.11 -16.34 35.39
CA GLN D 102 -21.54 -15.45 36.40
C GLN D 102 -20.20 -14.96 35.86
N SER D 103 -20.24 -13.89 35.07
CA SER D 103 -19.03 -13.37 34.44
C SER D 103 -18.18 -12.60 35.46
N SER D 104 -16.88 -12.87 35.45
CA SER D 104 -15.95 -12.17 36.32
C SER D 104 -14.56 -12.26 35.70
N GLU D 105 -13.66 -11.40 36.16
CA GLU D 105 -12.32 -11.36 35.60
C GLU D 105 -11.57 -12.67 35.85
N GLU D 106 -11.71 -13.23 37.05
CA GLU D 106 -10.98 -14.43 37.40
C GLU D 106 -11.40 -15.61 36.53
N ILE D 107 -12.71 -15.77 36.31
CA ILE D 107 -13.18 -16.88 35.48
C ILE D 107 -12.72 -16.71 34.04
N ILE D 108 -12.73 -15.48 33.54
CA ILE D 108 -12.23 -15.22 32.19
C ILE D 108 -10.75 -15.54 32.10
N LYS D 109 -9.99 -15.21 33.14
CA LYS D 109 -8.57 -15.53 33.16
C LYS D 109 -8.35 -17.05 33.16
N TYR D 110 -9.14 -17.78 33.95
CA TYR D 110 -9.04 -19.24 33.94
C TYR D 110 -9.36 -19.79 32.57
N CYS D 111 -10.40 -19.27 31.91
CA CYS D 111 -10.76 -19.77 30.59
C CYS D 111 -9.65 -19.47 29.58
N LEU D 112 -9.06 -18.28 29.64
CA LEU D 112 -7.97 -17.94 28.74
C LEU D 112 -6.68 -18.69 29.05
N GLY D 113 -6.56 -19.26 30.25
CA GLY D 113 -5.39 -20.06 30.58
C GLY D 113 -5.28 -21.34 29.78
N ARG D 114 -6.37 -21.77 29.14
CA ARG D 114 -6.37 -22.96 28.29
C ARG D 114 -6.20 -22.61 26.81
N PHE D 115 -5.96 -21.35 26.50
CA PHE D 115 -5.83 -20.88 25.12
C PHE D 115 -4.38 -20.48 24.87
N PHE D 116 -3.85 -20.88 23.71
CA PHE D 116 -2.47 -20.57 23.34
C PHE D 116 -2.47 -19.94 21.96
N LEU D 117 -1.56 -19.00 21.75
CA LEU D 117 -1.51 -18.22 20.53
C LEU D 117 -0.07 -18.13 20.04
N VAL D 118 0.10 -18.28 18.72
CA VAL D 118 1.40 -18.16 18.08
C VAL D 118 1.24 -17.28 16.85
N TYR D 119 2.24 -16.42 16.61
CA TYR D 119 2.28 -15.56 15.42
C TYR D 119 3.37 -16.06 14.49
N CYS D 120 3.05 -16.21 13.21
CA CYS D 120 4.00 -16.62 12.20
C CYS D 120 4.01 -15.59 11.07
N SER D 121 5.21 -15.21 10.63
CA SER D 121 5.37 -14.14 9.66
C SER D 121 5.66 -14.62 8.25
N SER D 122 6.07 -15.87 8.06
CA SER D 122 6.40 -16.38 6.74
C SER D 122 6.20 -17.89 6.71
N SER D 123 6.17 -18.44 5.49
CA SER D 123 5.98 -19.87 5.34
C SER D 123 7.14 -20.65 5.94
N THR D 124 8.38 -20.19 5.73
CA THR D 124 9.52 -20.84 6.36
C THR D 124 9.43 -20.74 7.88
N HIS D 125 9.02 -19.57 8.38
CA HIS D 125 8.81 -19.39 9.81
C HIS D 125 7.73 -20.34 10.32
N LEU D 126 6.64 -20.49 9.56
CA LEU D 126 5.58 -21.41 9.96
C LEU D 126 6.09 -22.85 10.00
N LEU D 127 6.88 -23.25 9.01
CA LEU D 127 7.41 -24.61 9.00
C LEU D 127 8.32 -24.86 10.19
N LEU D 128 9.19 -23.90 10.51
CA LEU D 128 10.05 -24.06 11.68
C LEU D 128 9.22 -24.14 12.96
N THR D 129 8.18 -23.31 13.07
CA THR D 129 7.30 -23.37 14.24
C THR D 129 6.61 -24.72 14.34
N LEU D 130 6.16 -25.27 13.21
CA LEU D 130 5.51 -26.58 13.22
C LEU D 130 6.50 -27.66 13.67
N TYR D 131 7.74 -27.59 13.20
CA TYR D 131 8.74 -28.55 13.66
C TYR D 131 8.98 -28.42 15.15
N SER D 132 8.96 -27.21 15.68
CA SER D 132 9.20 -27.00 17.10
C SER D 132 7.98 -27.28 17.98
N LEU D 133 6.78 -27.38 17.39
CA LEU D 133 5.58 -27.64 18.18
C LEU D 133 5.45 -29.10 18.61
N GLU D 134 6.35 -29.98 18.15
CA GLU D 134 6.29 -31.37 18.56
C GLU D 134 6.41 -31.49 20.08
N SER D 135 7.34 -30.75 20.68
CA SER D 135 7.47 -30.75 22.13
C SER D 135 6.24 -30.16 22.81
N MET D 136 5.68 -29.09 22.24
CA MET D 136 4.47 -28.50 22.80
C MET D 136 3.37 -29.53 22.91
N PHE D 137 3.10 -30.26 21.82
CA PHE D 137 2.04 -31.26 21.87
C PHE D 137 2.38 -32.40 22.83
N CYS D 138 3.66 -32.73 22.99
CA CYS D 138 4.03 -33.79 23.92
C CYS D 138 3.79 -33.36 25.36
N SER D 139 3.99 -32.08 25.67
CA SER D 139 3.89 -31.59 27.04
C SER D 139 2.48 -31.17 27.42
N HIS D 140 1.52 -31.19 26.49
CA HIS D 140 0.14 -30.78 26.77
C HIS D 140 -0.80 -31.86 26.22
N PRO D 141 -1.10 -32.89 27.01
CA PRO D 141 -1.98 -33.96 26.52
C PRO D 141 -3.43 -33.52 26.32
N SER D 142 -3.87 -32.45 26.98
CA SER D 142 -5.25 -31.97 26.82
C SER D 142 -5.44 -31.14 25.57
N LEU D 143 -4.37 -30.70 24.92
CA LEU D 143 -4.46 -29.89 23.71
C LEU D 143 -4.96 -30.79 22.58
N CYS D 144 -6.24 -30.64 22.23
CA CYS D 144 -6.88 -31.50 21.24
C CYS D 144 -7.39 -30.75 20.01
N LEU D 145 -7.46 -29.43 20.06
CA LEU D 145 -7.92 -28.63 18.92
C LEU D 145 -6.75 -27.80 18.42
N LEU D 146 -6.51 -27.84 17.11
CA LEU D 146 -5.46 -27.07 16.48
C LEU D 146 -6.09 -26.23 15.38
N ILE D 147 -5.99 -24.90 15.52
CA ILE D 147 -6.57 -23.97 14.58
C ILE D 147 -5.44 -23.32 13.80
N LEU D 148 -5.57 -23.29 12.48
CA LEU D 148 -4.63 -22.63 11.60
C LEU D 148 -5.43 -21.61 10.79
N ASP D 149 -5.36 -20.34 11.19
CA ASP D 149 -6.16 -19.31 10.56
C ASP D 149 -5.43 -18.76 9.35
N SER D 150 -6.02 -18.93 8.16
CA SER D 150 -5.43 -18.51 6.89
C SER D 150 -4.12 -19.26 6.62
N LEU D 151 -4.27 -20.56 6.39
CA LEU D 151 -3.18 -21.35 5.85
C LEU D 151 -2.70 -20.81 4.50
N SER D 152 -3.53 -20.04 3.80
CA SER D 152 -3.19 -19.47 2.51
C SER D 152 -2.66 -18.04 2.62
N ALA D 153 -2.09 -17.68 3.77
CA ALA D 153 -1.64 -16.30 3.97
C ALA D 153 -0.43 -15.97 3.10
N PHE D 154 0.45 -16.94 2.86
CA PHE D 154 1.70 -16.73 2.15
C PHE D 154 1.67 -17.29 0.74
N TYR D 155 0.48 -17.55 0.19
CA TYR D 155 0.40 -18.23 -1.09
C TYR D 155 1.11 -17.46 -2.20
N TRP D 156 0.78 -16.17 -2.37
CA TRP D 156 1.28 -15.42 -3.51
C TRP D 156 2.79 -15.22 -3.44
N ILE D 157 3.31 -14.93 -2.24
CA ILE D 157 4.74 -14.68 -2.11
C ILE D 157 5.54 -15.94 -2.45
N ASP D 158 5.12 -17.08 -1.91
CA ASP D 158 5.78 -18.33 -2.22
C ASP D 158 5.67 -18.67 -3.69
N ARG D 159 4.49 -18.44 -4.28
CA ARG D 159 4.32 -18.73 -5.70
C ARG D 159 5.26 -17.89 -6.56
N VAL D 160 5.40 -16.61 -6.21
CA VAL D 160 6.27 -15.74 -6.99
C VAL D 160 7.74 -16.12 -6.79
N ASN D 161 8.12 -16.48 -5.57
CA ASN D 161 9.50 -16.87 -5.30
C ASN D 161 9.86 -18.23 -5.88
N GLY D 162 8.88 -19.06 -6.22
CA GLY D 162 9.16 -20.37 -6.77
C GLY D 162 9.47 -20.40 -8.25
N GLY D 163 9.18 -19.34 -8.98
CA GLY D 163 9.41 -19.35 -10.42
C GLY D 163 8.35 -20.16 -11.15
N GLU D 164 8.74 -20.68 -12.32
CA GLU D 164 7.82 -21.46 -13.13
C GLU D 164 7.66 -22.90 -12.64
N SER D 165 8.54 -23.37 -11.76
CA SER D 165 8.51 -24.74 -11.28
C SER D 165 7.47 -24.86 -10.17
N VAL D 166 6.39 -25.60 -10.43
CA VAL D 166 5.37 -25.81 -9.41
C VAL D 166 5.96 -26.51 -8.20
N ASN D 167 6.93 -27.39 -8.41
CA ASN D 167 7.59 -28.06 -7.30
C ASN D 167 8.27 -27.06 -6.38
N LEU D 168 8.84 -25.99 -6.96
CA LEU D 168 9.50 -24.97 -6.16
C LEU D 168 8.52 -24.06 -5.45
N GLN D 169 7.37 -23.76 -6.08
CA GLN D 169 6.39 -22.89 -5.44
C GLN D 169 5.81 -23.53 -4.19
N GLU D 170 5.50 -24.83 -4.25
CA GLU D 170 4.77 -25.51 -3.19
C GLU D 170 5.66 -26.22 -2.19
N SER D 171 6.99 -26.09 -2.31
CA SER D 171 7.88 -26.93 -1.52
C SER D 171 7.64 -26.78 -0.03
N THR D 172 7.65 -25.54 0.46
CA THR D 172 7.53 -25.32 1.89
C THR D 172 6.12 -25.62 2.38
N LEU D 173 5.10 -25.30 1.58
CA LEU D 173 3.73 -25.62 1.98
C LEU D 173 3.51 -27.13 1.96
N ARG D 174 4.15 -27.83 1.03
CA ARG D 174 4.11 -29.29 1.01
C ARG D 174 4.73 -29.88 2.27
N LYS D 175 5.91 -29.36 2.67
CA LYS D 175 6.53 -29.83 3.90
C LYS D 175 5.64 -29.51 5.10
N CYS D 176 5.01 -28.34 5.11
CA CYS D 176 4.09 -27.98 6.19
C CYS D 176 2.93 -28.95 6.25
N SER D 177 2.39 -29.34 5.08
CA SER D 177 1.28 -30.29 5.05
C SER D 177 1.70 -31.65 5.59
N GLN D 178 2.88 -32.12 5.21
CA GLN D 178 3.35 -33.40 5.74
C GLN D 178 3.54 -33.33 7.25
N CYS D 179 4.11 -32.23 7.75
CA CYS D 179 4.27 -32.09 9.19
C CYS D 179 2.92 -32.02 9.89
N LEU D 180 1.95 -31.33 9.29
CA LEU D 180 0.61 -31.25 9.87
C LEU D 180 -0.05 -32.62 9.92
N GLU D 181 0.09 -33.41 8.86
CA GLU D 181 -0.46 -34.76 8.87
C GLU D 181 0.17 -35.59 9.97
N LYS D 182 1.50 -35.51 10.11
CA LYS D 182 2.16 -36.28 11.15
C LYS D 182 1.69 -35.84 12.53
N LEU D 183 1.55 -34.54 12.75
CA LEU D 183 1.08 -34.05 14.04
C LEU D 183 -0.35 -34.52 14.33
N VAL D 184 -1.22 -34.46 13.33
CA VAL D 184 -2.62 -34.84 13.53
C VAL D 184 -2.73 -36.33 13.83
N ASN D 185 -1.95 -37.16 13.12
CA ASN D 185 -2.04 -38.60 13.34
C ASN D 185 -1.38 -39.02 14.65
N ASP D 186 -0.23 -38.44 14.97
CA ASP D 186 0.51 -38.88 16.16
C ASP D 186 -0.29 -38.62 17.43
N TYR D 187 -0.84 -37.41 17.56
CA TYR D 187 -1.75 -37.08 18.64
C TYR D 187 -3.14 -36.92 18.04
N ARG D 188 -4.13 -37.59 18.63
CA ARG D 188 -5.46 -37.66 18.03
C ARG D 188 -6.10 -36.29 18.13
N LEU D 189 -5.68 -35.40 17.23
CA LEU D 189 -6.09 -34.01 17.24
C LEU D 189 -7.19 -33.77 16.21
N VAL D 190 -7.90 -32.67 16.39
CA VAL D 190 -8.79 -32.13 15.38
C VAL D 190 -8.18 -30.84 14.86
N LEU D 191 -7.93 -30.79 13.56
CA LEU D 191 -7.35 -29.63 12.91
C LEU D 191 -8.44 -28.89 12.15
N PHE D 192 -8.59 -27.60 12.45
CA PHE D 192 -9.43 -26.70 11.67
C PHE D 192 -8.52 -25.72 10.95
N ALA D 193 -8.57 -25.71 9.63
CA ALA D 193 -7.76 -24.81 8.83
C ALA D 193 -8.66 -23.88 8.05
N THR D 194 -8.37 -22.58 8.12
CA THR D 194 -9.14 -21.59 7.39
C THR D 194 -8.40 -21.21 6.11
N THR D 195 -9.13 -21.19 5.01
CA THR D 195 -8.60 -20.78 3.71
C THR D 195 -9.47 -19.64 3.17
N GLN D 196 -8.88 -18.85 2.29
CA GLN D 196 -9.51 -17.64 1.77
C GLN D 196 -9.92 -17.84 0.33
N THR D 197 -11.08 -17.30 -0.02
CA THR D 197 -11.58 -17.32 -1.40
C THR D 197 -10.87 -16.23 -2.17
N ILE D 198 -9.75 -16.58 -2.81
CA ILE D 198 -8.91 -15.59 -3.48
C ILE D 198 -9.02 -15.66 -5.00
N MET D 199 -9.62 -16.71 -5.56
CA MET D 199 -9.84 -16.77 -7.00
C MET D 199 -11.24 -17.30 -7.28
N GLN D 200 -11.95 -16.61 -8.17
CA GLN D 200 -13.26 -17.04 -8.63
C GLN D 200 -13.26 -18.53 -8.99
N ASP D 222 -17.69 -20.29 -5.84
CA ASP D 222 -18.05 -21.44 -5.03
C ASP D 222 -16.80 -22.07 -4.40
N TYR D 223 -16.00 -22.74 -5.22
CA TYR D 223 -14.78 -23.40 -4.73
C TYR D 223 -13.81 -23.57 -5.89
N ARG D 224 -12.68 -22.86 -5.83
CA ARG D 224 -11.60 -23.02 -6.79
C ARG D 224 -10.34 -23.40 -6.02
N PRO D 225 -10.01 -24.70 -5.91
CA PRO D 225 -8.82 -25.08 -5.13
C PRO D 225 -7.54 -24.53 -5.74
N TYR D 226 -6.61 -24.13 -4.88
CA TYR D 226 -5.32 -23.64 -5.33
C TYR D 226 -4.14 -24.14 -4.51
N LEU D 227 -4.35 -24.75 -3.34
CA LEU D 227 -3.26 -25.22 -2.51
C LEU D 227 -2.72 -26.55 -3.03
N CYS D 228 -1.57 -26.93 -2.51
CA CYS D 228 -0.85 -28.10 -3.03
C CYS D 228 -1.63 -29.38 -2.76
N LYS D 229 -1.44 -30.36 -3.66
CA LYS D 229 -2.15 -31.62 -3.56
C LYS D 229 -1.89 -32.32 -2.24
N ALA D 230 -0.69 -32.16 -1.67
CA ALA D 230 -0.40 -32.77 -0.38
C ALA D 230 -1.42 -32.32 0.67
N TRP D 231 -1.82 -31.05 0.63
CA TRP D 231 -2.84 -30.57 1.54
C TRP D 231 -4.22 -31.07 1.15
N GLN D 232 -4.53 -31.08 -0.14
CA GLN D 232 -5.86 -31.47 -0.59
C GLN D 232 -6.18 -32.90 -0.20
N GLN D 233 -5.21 -33.81 -0.35
CA GLN D 233 -5.48 -35.22 -0.09
C GLN D 233 -5.84 -35.49 1.37
N LEU D 234 -5.57 -34.54 2.27
CA LEU D 234 -5.79 -34.76 3.69
C LEU D 234 -7.17 -34.34 4.17
N VAL D 235 -7.85 -33.46 3.45
CA VAL D 235 -9.09 -32.87 3.94
C VAL D 235 -10.21 -33.91 3.86
N LYS D 236 -10.93 -34.08 4.98
CA LYS D 236 -12.07 -34.99 5.05
C LYS D 236 -13.40 -34.25 5.04
N HIS D 237 -13.51 -33.13 5.75
CA HIS D 237 -14.72 -32.32 5.80
C HIS D 237 -14.39 -30.90 5.34
N ARG D 238 -15.18 -30.37 4.42
CA ARG D 238 -15.04 -29.00 3.97
C ARG D 238 -16.34 -28.25 4.25
N MET D 239 -16.22 -26.97 4.59
CA MET D 239 -17.36 -26.13 4.87
C MET D 239 -17.22 -24.80 4.14
N PHE D 240 -18.30 -24.35 3.53
CA PHE D 240 -18.35 -23.10 2.78
C PHE D 240 -19.26 -22.11 3.49
N PHE D 241 -18.76 -20.89 3.67
CA PHE D 241 -19.47 -19.85 4.42
C PHE D 241 -20.07 -18.83 3.47
N SER D 242 -21.25 -18.33 3.82
CA SER D 242 -21.92 -17.32 3.02
C SER D 242 -22.66 -16.35 3.94
N LYS D 243 -22.73 -15.09 3.50
CA LYS D 243 -23.46 -14.04 4.21
C LYS D 243 -24.90 -14.05 3.75
N GLN D 244 -25.83 -14.07 4.72
CA GLN D 244 -27.27 -14.13 4.46
C GLN D 244 -27.61 -14.89 3.19
N ASN D 251 -25.85 -11.19 12.19
CA ASN D 251 -26.90 -11.12 11.18
C ASN D 251 -27.26 -12.54 10.74
N GLN D 252 -27.53 -12.73 9.45
CA GLN D 252 -27.93 -14.02 8.91
C GLN D 252 -26.78 -14.61 8.09
N PHE D 253 -26.35 -15.82 8.44
CA PHE D 253 -25.24 -16.48 7.78
C PHE D 253 -25.62 -17.93 7.49
N SER D 254 -25.06 -18.47 6.40
CA SER D 254 -25.33 -19.83 5.97
C SER D 254 -24.04 -20.61 5.79
N LEU D 255 -24.12 -21.92 5.99
CA LEU D 255 -22.95 -22.78 6.00
C LEU D 255 -23.28 -24.09 5.29
N VAL D 256 -22.50 -24.44 4.27
CA VAL D 256 -22.72 -25.65 3.48
C VAL D 256 -21.59 -26.63 3.80
N SER D 257 -21.96 -27.81 4.26
CA SER D 257 -20.98 -28.81 4.72
C SER D 257 -20.94 -29.96 3.72
N ARG D 258 -19.75 -30.24 3.19
CA ARG D 258 -19.51 -31.37 2.31
C ARG D 258 -18.57 -32.35 3.02
N CYS D 259 -19.02 -33.59 3.17
CA CYS D 259 -18.28 -34.64 3.86
C CYS D 259 -17.78 -35.64 2.82
N LEU D 260 -16.47 -35.64 2.58
CA LEU D 260 -15.90 -36.49 1.54
C LEU D 260 -15.84 -37.97 1.96
N LYS D 261 -16.01 -38.26 3.25
CA LYS D 261 -16.05 -39.65 3.68
C LYS D 261 -17.25 -40.38 3.08
N SER D 262 -18.39 -39.67 2.95
CA SER D 262 -19.60 -40.25 2.38
C SER D 262 -20.21 -39.39 1.30
N ASN D 263 -19.63 -38.23 0.99
CA ASN D 263 -20.12 -37.29 -0.02
C ASN D 263 -21.44 -36.65 0.37
N SER D 264 -21.87 -36.78 1.63
CA SER D 264 -23.10 -36.16 2.07
C SER D 264 -22.96 -34.64 2.05
N LEU D 265 -24.06 -33.97 1.72
CA LEU D 265 -24.12 -32.52 1.64
C LEU D 265 -25.21 -32.01 2.57
N LYS D 266 -24.90 -30.96 3.34
CA LYS D 266 -25.84 -30.42 4.31
C LYS D 266 -25.79 -28.89 4.30
N LYS D 267 -26.87 -28.29 4.75
CA LYS D 267 -27.02 -26.84 4.82
C LYS D 267 -27.44 -26.43 6.22
N HIS D 268 -26.85 -25.35 6.72
CA HIS D 268 -27.15 -24.84 8.06
C HIS D 268 -27.23 -23.32 8.02
N PHE D 269 -27.93 -22.78 9.02
CA PHE D 269 -28.09 -21.33 9.17
C PHE D 269 -27.75 -20.95 10.59
N PHE D 270 -27.20 -19.75 10.77
CA PHE D 270 -26.81 -19.27 12.08
C PHE D 270 -26.76 -17.75 12.06
N ILE D 271 -26.70 -17.17 13.26
CA ILE D 271 -26.56 -15.72 13.42
C ILE D 271 -25.39 -15.44 14.35
N ILE D 272 -24.87 -14.23 14.27
CA ILE D 272 -23.78 -13.77 15.12
C ILE D 272 -24.27 -12.58 15.93
N GLY D 273 -24.18 -12.69 17.25
CA GLY D 273 -24.54 -11.61 18.13
C GLY D 273 -23.47 -11.34 19.18
N GLU D 274 -23.81 -10.57 20.21
CA GLU D 274 -22.82 -10.22 21.22
C GLU D 274 -22.24 -11.46 21.89
N SER D 275 -22.99 -12.56 21.91
CA SER D 275 -22.55 -13.80 22.54
C SER D 275 -21.84 -14.74 21.58
N GLY D 276 -21.66 -14.34 20.31
CA GLY D 276 -21.00 -15.19 19.35
C GLY D 276 -21.96 -15.83 18.37
N VAL D 277 -21.67 -17.06 17.97
CA VAL D 277 -22.53 -17.77 17.02
C VAL D 277 -23.70 -18.40 17.75
N GLU D 278 -24.85 -18.42 17.09
CA GLU D 278 -26.03 -19.13 17.57
C GLU D 278 -26.73 -19.73 16.37
N PHE D 279 -26.86 -21.06 16.37
CA PHE D 279 -27.43 -21.76 15.22
C PHE D 279 -28.94 -21.66 15.25
N CYS D 280 -29.53 -21.37 14.09
CA CYS D 280 -30.98 -21.28 13.96
C CYS D 280 -31.60 -22.67 13.91
PB ADP E . -10.25 25.21 -23.75
O1B ADP E . -11.17 24.69 -22.66
O2B ADP E . -10.53 24.67 -25.12
O3B ADP E . -8.80 25.24 -23.34
PA ADP E . -9.81 27.77 -24.78
O1A ADP E . -9.55 27.16 -26.14
O2A ADP E . -8.66 28.31 -23.96
O3A ADP E . -10.67 26.76 -23.87
O5' ADP E . -10.87 28.96 -24.98
C5' ADP E . -10.41 30.30 -25.16
C4' ADP E . -11.60 31.24 -25.23
O4' ADP E . -11.16 32.58 -25.02
C3' ADP E . -12.30 31.19 -26.58
O3' ADP E . -13.58 30.54 -26.47
C2' ADP E . -12.47 32.64 -27.00
O2' ADP E . -13.86 32.99 -27.10
C1' ADP E . -11.78 33.47 -25.94
N9 ADP E . -10.74 34.36 -26.53
C8 ADP E . -9.72 33.98 -27.32
N7 ADP E . -8.96 35.04 -27.67
C5 ADP E . -9.49 36.14 -27.11
C6 ADP E . -9.18 37.58 -27.07
N6 ADP E . -8.12 38.08 -27.74
N1 ADP E . -9.99 38.39 -26.34
C2 ADP E . -11.06 37.90 -25.67
N3 ADP E . -11.40 36.60 -25.66
C4 ADP E . -10.67 35.69 -26.34
H5'1 ADP E . -9.82 30.37 -26.07
H5'2 ADP E . -9.78 30.57 -24.31
H4' ADP E . -12.33 30.96 -24.45
H3' ADP E . -11.66 30.67 -27.30
HO3' ADP E . -13.92 30.37 -27.35
H2' ADP E . -11.98 32.78 -27.98
HO2' ADP E . -14.26 32.52 -27.84
H1' ADP E . -12.54 34.08 -25.42
H8 ADP E . -9.54 32.95 -27.63
HN61 ADP E . -7.52 37.47 -28.28
HN62 ADP E . -7.92 39.08 -27.71
H2 ADP E . -11.67 38.60 -25.11
MG MG F . -7.53 24.82 -25.63
PG ATP G . -8.71 11.78 -2.77
O1G ATP G . -8.76 12.19 -4.20
O2G ATP G . -9.03 10.31 -2.55
O3G ATP G . -7.39 12.11 -2.08
PB ATP G . -10.49 12.52 -0.51
O1B ATP G . -11.70 11.70 -0.51
O2B ATP G . -9.42 12.10 0.50
O3B ATP G . -9.80 12.56 -1.92
PA ATP G . -10.54 15.12 0.91
O1A ATP G . -9.31 15.89 0.66
O2A ATP G . -10.55 14.35 2.23
O3A ATP G . -10.80 14.06 -0.25
O5' ATP G . -11.80 16.06 0.85
C5' ATP G . -11.74 17.38 0.27
C4' ATP G . -13.06 18.07 0.45
O4' ATP G . -13.09 18.58 1.79
C3' ATP G . -13.10 19.35 -0.38
O3' ATP G . -13.73 19.00 -1.60
C2' ATP G . -14.13 20.17 0.40
O2' ATP G . -15.37 19.51 0.21
C1' ATP G . -13.74 19.84 1.84
N9 ATP G . -12.76 20.79 2.36
C8 ATP G . -11.44 20.91 1.99
N7 ATP G . -10.80 21.87 2.62
C5 ATP G . -11.76 22.41 3.45
C6 ATP G . -11.72 23.47 4.38
N6 ATP G . -10.62 24.20 4.64
N1 ATP G . -12.85 23.77 5.05
C2 ATP G . -13.96 23.06 4.80
N3 ATP G . -14.12 22.04 3.95
C4 ATP G . -12.97 21.76 3.30
H5'1 ATP G . -11.53 17.31 -0.68
H5'2 ATP G . -11.04 17.88 0.72
H4' ATP G . -13.80 17.48 0.24
H3' ATP G . -12.24 19.79 -0.49
HO3' ATP G . -14.54 19.25 -1.54
H2' ATP G . -14.14 21.12 0.18
HO2' ATP G . -15.94 19.93 0.69
H1' ATP G . -14.52 19.82 2.41
H8 ATP G . -11.05 20.36 1.36
HN61 ATP G . -10.62 24.75 5.30
HN62 ATP G . -9.92 24.10 4.16
H2 ATP G . -14.70 23.30 5.28
MG MG H . -6.82 12.53 -0.35
PG ATP I . -11.82 -12.71 7.16
O1G ATP I . -11.51 -13.76 6.14
O2G ATP I . -10.84 -12.70 8.33
O3G ATP I . -11.93 -11.31 6.58
PB ATP I . -14.01 -14.10 8.64
O1B ATP I . -14.50 -15.19 7.78
O2B ATP I . -13.09 -14.52 9.79
O3B ATP I . -13.25 -12.98 7.82
PA ATP I . -15.38 -12.24 10.46
O1A ATP I . -14.79 -10.93 10.10
O2A ATP I . -14.84 -12.89 11.73
O3A ATP I . -15.20 -13.28 9.29
O5' ATP I . -16.95 -12.15 10.59
C5' ATP I . -17.58 -11.84 11.84
C4' ATP I . -18.77 -10.97 11.57
O4' ATP I . -19.58 -10.99 12.76
C3' ATP I . -18.36 -9.51 11.50
O3' ATP I . -18.17 -9.24 10.12
C2' ATP I . -19.65 -8.80 11.87
O2' ATP I . -20.48 -8.93 10.72
C1' ATP I . -20.27 -9.77 12.89
N9 ATP I . -20.06 -9.33 14.26
C8 ATP I . -18.87 -9.14 14.91
N7 ATP I . -18.99 -8.75 16.16
C5 ATP I . -20.36 -8.68 16.34
C6 ATP I . -21.16 -8.34 17.45
N6 ATP I . -20.66 -7.97 18.64
N1 ATP I . -22.49 -8.37 17.30
C2 ATP I . -23.00 -8.74 16.12
N3 ATP I . -22.36 -9.08 15.01
C4 ATP I . -21.04 -9.04 15.18
H5'1 ATP I . -16.95 -11.38 12.42
H5'2 ATP I . -17.87 -12.67 12.28
H4' ATP I . -19.25 -11.25 10.77
H3' ATP I . -17.59 -9.27 12.06
HO3' ATP I . -17.44 -9.63 9.89
H2' ATP I . -19.55 -7.89 12.19
HO2' ATP I . -19.95 -9.10 10.07
H1' ATP I . -21.22 -9.88 12.71
H8 ATP I . -18.04 -9.28 14.49
HN61 ATP I . -19.81 -7.94 18.76
HN62 ATP I . -21.19 -7.77 19.28
H2 ATP I . -23.93 -8.74 16.07
MG MG J . -11.46 -13.95 10.48
#